data_9NOM
#
_entry.id   9NOM
#
_cell.length_a   84.544
_cell.length_b   118.806
_cell.length_c   168.202
_cell.angle_alpha   90.000
_cell.angle_beta   90.000
_cell.angle_gamma   90.000
#
_symmetry.space_group_name_H-M   'P 21 21 21'
#
loop_
_entity.id
_entity.type
_entity.pdbx_description
1 polymer 'NcdF, a non-ribosomal independent siderophore synthetase'
2 non-polymer 'MALONATE ION'
#
_entity_poly.entity_id   1
_entity_poly.type   'polypeptide(L)'
_entity_poly.pdbx_seq_one_letter_code
;GHMSIDIRGATEVPAPACSYRQVYNTRLARKILAEFCHERLVRPTELSPGRYVVHSDDRETEYRFRAEILSLDSWCIDAA
SLRRVRKGEELRIDAIDLIVDMSGSLGIPVDALPEYLEEFTNTASISMDRPDTRRIPAAELAVADFQTIEKTMTEGHPCL
VANAGRLGFSADDIERYAPESGGRFALEWVAVLRVNTDFAAMSGTEYDTLIRDELGADTLARFDRVLTGRGLDPASYYYM
PVHPWQWAEKIARIYAVDIAEGRIVPVGAGPDRYQPQQSIRTVFNVSVPTRHYVKTALSIVNMGFTRGMSADYMRTTPLI
NDWVRSRVHGDPYLASIGFEMIYEVAAIGYRNTTLTAITRPGSEYRKLLSALWRESPVSRVAEHEQLTTMAALLHIDHNG
IPLAGEFIQKSGLAAQEWLARYLRAYLHPIIYLLYRYEFKFSPHGENLILVLDGGAPVRAVLKDIGEEICIFDAPDDIPE
SCRRAVTEEADEIRNLGVLSDVFDDFLRHFALLLHESGLLTDGEFWATVAHSVAEFQARHPDLADRFDQWDLFAPTFPAI
HMNRLQLSNNRRMVNLGDSYSTLVDNEHALVNPIAGHRGAVTTTSGAEVHAA
;
_entity_poly.pdbx_strand_id   A,B
#
# COMPACT_ATOMS: atom_id res chain seq x y z
N ALA A 17 1.97 -16.37 -24.40
CA ALA A 17 2.34 -17.77 -24.25
C ALA A 17 3.17 -18.02 -22.97
N CYS A 18 2.77 -19.07 -22.18
CA CYS A 18 3.48 -19.58 -20.97
C CYS A 18 3.29 -21.10 -20.93
N SER A 19 4.08 -21.80 -21.77
CA SER A 19 3.85 -23.23 -21.98
C SER A 19 4.14 -24.11 -20.73
N TYR A 20 4.58 -23.51 -19.60
CA TYR A 20 5.30 -24.26 -18.56
C TYR A 20 4.77 -24.07 -17.15
N ARG A 21 3.56 -23.53 -16.96
CA ARG A 21 3.06 -23.27 -15.61
C ARG A 21 3.07 -24.51 -14.73
N GLN A 22 2.75 -25.68 -15.29
CA GLN A 22 2.69 -26.86 -14.43
C GLN A 22 4.06 -27.36 -14.06
N VAL A 23 5.03 -27.24 -14.97
CA VAL A 23 6.42 -27.55 -14.64
C VAL A 23 6.85 -26.82 -13.36
N TYR A 24 6.56 -25.51 -13.28
CA TYR A 24 6.97 -24.74 -12.11
C TYR A 24 6.07 -25.03 -10.90
N ASN A 25 4.77 -25.19 -11.14
CA ASN A 25 3.86 -25.53 -10.05
C ASN A 25 4.32 -26.80 -9.32
N THR A 26 4.77 -27.82 -10.06
CA THR A 26 5.24 -29.03 -9.40
C THR A 26 6.56 -28.78 -8.67
N ARG A 27 7.50 -28.07 -9.32
CA ARG A 27 8.73 -27.65 -8.65
C ARG A 27 8.43 -26.96 -7.34
N LEU A 28 7.54 -25.99 -7.38
CA LEU A 28 7.21 -25.26 -6.17
C LEU A 28 6.68 -26.19 -5.09
N ALA A 29 5.68 -27.00 -5.43
CA ALA A 29 5.16 -27.92 -4.43
C ALA A 29 6.26 -28.82 -3.88
N ARG A 30 7.19 -29.24 -4.74
CA ARG A 30 8.30 -30.08 -4.26
C ARG A 30 9.18 -29.32 -3.27
N LYS A 31 9.49 -28.05 -3.57
CA LYS A 31 10.28 -27.26 -2.63
C LYS A 31 9.54 -27.11 -1.29
N ILE A 32 8.24 -26.78 -1.34
CA ILE A 32 7.47 -26.68 -0.10
C ILE A 32 7.58 -27.99 0.68
N LEU A 33 7.41 -29.13 -0.02
CA LEU A 33 7.42 -30.38 0.71
C LEU A 33 8.77 -30.58 1.38
N ALA A 34 9.87 -30.30 0.66
CA ALA A 34 11.18 -30.66 1.19
C ALA A 34 11.70 -29.64 2.21
N GLU A 35 11.41 -28.35 2.01
CA GLU A 35 11.80 -27.34 3.01
C GLU A 35 11.03 -27.54 4.31
N PHE A 36 9.71 -27.80 4.20
CA PHE A 36 8.90 -27.95 5.40
C PHE A 36 9.14 -29.28 6.07
N CYS A 37 9.56 -30.29 5.30
CA CYS A 37 10.05 -31.52 5.91
C CYS A 37 11.34 -31.27 6.66
N HIS A 38 12.28 -30.56 6.00
CA HIS A 38 13.58 -30.29 6.60
C HIS A 38 13.44 -29.54 7.92
N GLU A 39 12.59 -28.53 7.96
CA GLU A 39 12.38 -27.81 9.21
C GLU A 39 11.45 -28.55 10.17
N ARG A 40 10.96 -29.73 9.80
CA ARG A 40 10.00 -30.50 10.61
C ARG A 40 8.73 -29.71 10.90
N LEU A 41 8.30 -28.87 9.95
CA LEU A 41 6.93 -28.38 9.95
C LEU A 41 5.98 -29.41 9.38
N VAL A 42 6.52 -30.40 8.66
CA VAL A 42 5.78 -31.48 8.05
C VAL A 42 6.57 -32.74 8.33
N ARG A 43 6.01 -33.63 9.13
CA ARG A 43 6.64 -34.93 9.41
C ARG A 43 5.84 -36.02 8.71
N PRO A 44 6.29 -36.51 7.57
CA PRO A 44 5.51 -37.46 6.76
C PRO A 44 5.57 -38.85 7.37
N THR A 45 4.85 -39.78 6.76
CA THR A 45 4.71 -41.12 7.28
C THR A 45 5.36 -42.09 6.31
N GLU A 46 6.18 -43.00 6.83
CA GLU A 46 6.87 -43.96 5.99
C GLU A 46 5.98 -45.19 5.81
N LEU A 47 5.59 -45.48 4.57
CA LEU A 47 4.69 -46.60 4.28
C LEU A 47 5.47 -47.86 3.95
N SER A 48 6.34 -47.78 2.95
CA SER A 48 7.48 -48.66 2.73
C SER A 48 8.73 -47.87 3.01
N PRO A 49 9.88 -48.53 3.10
CA PRO A 49 11.15 -47.79 3.10
C PRO A 49 11.26 -46.84 1.91
N GLY A 50 11.37 -45.54 2.20
CA GLY A 50 11.61 -44.53 1.19
C GLY A 50 10.37 -44.00 0.53
N ARG A 51 9.21 -44.56 0.84
CA ARG A 51 7.94 -44.19 0.22
C ARG A 51 7.06 -43.58 1.31
N TYR A 52 6.57 -42.37 1.08
CA TYR A 52 5.97 -41.54 2.12
C TYR A 52 4.58 -41.06 1.74
N VAL A 53 3.78 -40.79 2.76
CA VAL A 53 2.49 -40.14 2.61
C VAL A 53 2.45 -38.96 3.56
N VAL A 54 1.94 -37.84 3.07
CA VAL A 54 1.63 -36.67 3.90
C VAL A 54 0.13 -36.42 3.81
N HIS A 55 -0.55 -36.42 4.96
CA HIS A 55 -2.00 -36.25 5.02
C HIS A 55 -2.37 -34.78 5.16
N SER A 56 -3.33 -34.34 4.35
CA SER A 56 -3.84 -33.00 4.50
C SER A 56 -4.50 -32.83 5.86
N ASP A 57 -4.79 -31.58 6.20
CA ASP A 57 -5.38 -31.32 7.51
C ASP A 57 -6.84 -31.77 7.59
N ASP A 58 -7.58 -31.66 6.49
CA ASP A 58 -8.95 -32.15 6.45
C ASP A 58 -9.03 -33.63 6.14
N ARG A 59 -7.90 -34.33 6.10
CA ARG A 59 -7.84 -35.75 5.80
C ARG A 59 -8.52 -36.14 4.50
N GLU A 60 -8.81 -35.18 3.62
CA GLU A 60 -9.36 -35.47 2.32
C GLU A 60 -8.29 -35.72 1.28
N THR A 61 -7.21 -34.96 1.33
CA THR A 61 -6.11 -35.10 0.39
C THR A 61 -5.00 -35.93 1.00
N GLU A 62 -4.34 -36.71 0.15
CA GLU A 62 -3.16 -37.46 0.51
C GLU A 62 -2.07 -37.12 -0.50
N TYR A 63 -0.83 -37.07 -0.03
CA TYR A 63 0.30 -36.69 -0.86
C TYR A 63 1.32 -37.82 -0.77
N ARG A 64 1.50 -38.55 -1.86
CA ARG A 64 2.37 -39.71 -1.85
C ARG A 64 3.60 -39.46 -2.71
N PHE A 65 4.76 -39.82 -2.19
CA PHE A 65 5.97 -39.64 -2.97
C PHE A 65 7.05 -40.57 -2.45
N ARG A 66 7.97 -40.92 -3.32
CA ARG A 66 9.23 -41.53 -2.89
C ARG A 66 10.24 -40.42 -2.62
N ALA A 67 11.09 -40.62 -1.61
CA ALA A 67 12.13 -39.63 -1.36
C ALA A 67 13.35 -40.30 -0.77
N GLU A 68 14.51 -39.73 -1.09
CA GLU A 68 15.80 -40.09 -0.49
C GLU A 68 16.21 -38.97 0.45
N ILE A 69 16.66 -39.33 1.64
CA ILE A 69 17.09 -38.33 2.63
C ILE A 69 18.60 -38.23 2.50
N LEU A 70 19.07 -37.10 1.98
CA LEU A 70 20.50 -36.86 1.79
C LEU A 70 21.07 -36.19 3.05
N SER A 71 22.31 -35.73 2.98
CA SER A 71 22.91 -35.21 4.18
C SER A 71 22.29 -33.87 4.57
N LEU A 72 22.37 -33.54 5.85
CA LEU A 72 21.75 -32.33 6.40
C LEU A 72 20.23 -32.36 6.27
N ASP A 73 19.64 -33.53 6.50
CA ASP A 73 18.19 -33.69 6.52
C ASP A 73 17.57 -33.15 5.24
N SER A 74 18.22 -33.45 4.11
CA SER A 74 17.78 -32.98 2.81
C SER A 74 16.83 -34.02 2.22
N TRP A 75 15.57 -33.61 2.01
CA TRP A 75 14.57 -34.49 1.42
C TRP A 75 14.63 -34.32 -0.09
N CYS A 76 15.17 -35.32 -0.78
CA CYS A 76 15.26 -35.32 -2.24
C CYS A 76 14.07 -36.12 -2.78
N ILE A 77 13.03 -35.42 -3.24
CA ILE A 77 11.73 -36.04 -3.50
C ILE A 77 11.60 -36.34 -4.99
N ASP A 78 11.28 -37.57 -5.31
CA ASP A 78 11.11 -37.99 -6.70
C ASP A 78 9.86 -37.34 -7.28
N ALA A 79 10.03 -36.38 -8.18
CA ALA A 79 8.87 -35.73 -8.79
C ALA A 79 8.02 -36.72 -9.57
N ALA A 80 8.65 -37.68 -10.24
CA ALA A 80 7.88 -38.64 -11.02
C ALA A 80 7.01 -39.55 -10.14
N SER A 81 7.31 -39.66 -8.85
CA SER A 81 6.50 -40.46 -7.94
C SER A 81 5.42 -39.65 -7.26
N LEU A 82 5.49 -38.33 -7.36
CA LEU A 82 4.73 -37.41 -6.52
C LEU A 82 3.28 -37.37 -6.96
N ARG A 83 2.37 -37.86 -6.10
CA ARG A 83 0.95 -37.98 -6.41
C ARG A 83 0.09 -37.22 -5.39
N ARG A 84 -1.00 -36.62 -5.87
CA ARG A 84 -1.98 -35.98 -5.01
C ARG A 84 -3.34 -36.65 -5.21
N VAL A 85 -3.85 -37.24 -4.14
CA VAL A 85 -5.09 -38.01 -4.17
C VAL A 85 -6.05 -37.40 -3.18
N ARG A 86 -7.11 -36.77 -3.70
CA ARG A 86 -8.18 -36.18 -2.90
C ARG A 86 -9.46 -36.95 -3.16
N LYS A 87 -10.10 -37.42 -2.07
CA LYS A 87 -11.30 -38.27 -2.10
C LYS A 87 -11.16 -39.36 -3.16
N GLY A 88 -9.97 -39.96 -3.26
CA GLY A 88 -9.75 -41.02 -4.22
C GLY A 88 -9.63 -40.59 -5.67
N GLU A 89 -9.75 -39.30 -5.95
CA GLU A 89 -9.46 -38.77 -7.28
C GLU A 89 -8.01 -38.27 -7.34
N GLU A 90 -7.32 -38.55 -8.44
CA GLU A 90 -5.93 -38.13 -8.59
C GLU A 90 -5.88 -36.72 -9.19
N LEU A 91 -5.22 -35.81 -8.51
CA LEU A 91 -5.24 -34.40 -8.89
C LEU A 91 -3.88 -33.93 -9.39
N ARG A 92 -3.89 -32.81 -10.11
CA ARG A 92 -2.65 -32.11 -10.38
C ARG A 92 -2.01 -31.64 -9.09
N ILE A 93 -0.70 -31.81 -8.99
CA ILE A 93 0.10 -31.19 -7.94
C ILE A 93 -0.07 -29.68 -8.04
N ASP A 94 -0.57 -29.05 -6.98
CA ASP A 94 -0.72 -27.61 -6.95
C ASP A 94 -0.12 -27.05 -5.67
N ALA A 95 0.74 -26.03 -5.81
CA ALA A 95 1.50 -25.55 -4.65
C ALA A 95 0.63 -24.76 -3.68
N ILE A 96 -0.23 -23.87 -4.20
CA ILE A 96 -1.09 -23.11 -3.30
C ILE A 96 -2.02 -24.04 -2.52
N ASP A 97 -2.72 -24.93 -3.24
CA ASP A 97 -3.53 -25.98 -2.60
C ASP A 97 -2.76 -26.67 -1.48
N LEU A 98 -1.48 -26.95 -1.71
CA LEU A 98 -0.64 -27.62 -0.72
C LEU A 98 -0.51 -26.81 0.56
N ILE A 99 -0.24 -25.50 0.43
CA ILE A 99 -0.15 -24.65 1.62
C ILE A 99 -1.49 -24.59 2.34
N VAL A 100 -2.59 -24.44 1.59
CA VAL A 100 -3.91 -24.36 2.23
C VAL A 100 -4.23 -25.67 2.95
N ASP A 101 -4.00 -26.80 2.26
CA ASP A 101 -4.13 -28.13 2.87
C ASP A 101 -3.37 -28.26 4.17
N MET A 102 -2.38 -27.39 4.43
CA MET A 102 -1.46 -27.58 5.53
C MET A 102 -1.41 -26.43 6.52
N SER A 103 -2.17 -25.35 6.28
CA SER A 103 -2.08 -24.13 7.10
C SER A 103 -2.08 -24.42 8.59
N GLY A 104 -2.92 -25.35 9.04
CA GLY A 104 -3.00 -25.71 10.43
C GLY A 104 -1.71 -26.33 10.98
N SER A 105 -1.31 -27.46 10.42
CA SER A 105 -0.07 -28.11 10.81
C SER A 105 1.14 -27.17 10.74
N LEU A 106 1.03 -26.06 10.03
CA LEU A 106 2.16 -25.14 9.86
C LEU A 106 2.21 -24.07 10.93
N GLY A 107 1.20 -23.98 11.78
CA GLY A 107 1.17 -22.91 12.75
C GLY A 107 1.05 -21.56 12.09
N ILE A 108 0.12 -21.45 11.14
CA ILE A 108 -0.26 -20.16 10.60
C ILE A 108 -1.57 -19.75 11.29
N PRO A 109 -1.58 -18.70 12.09
CA PRO A 109 -2.84 -18.15 12.60
C PRO A 109 -3.83 -17.87 11.47
N VAL A 110 -5.06 -18.37 11.64
CA VAL A 110 -6.14 -18.15 10.66
C VAL A 110 -6.29 -16.68 10.32
N ASP A 111 -5.93 -15.80 11.25
CA ASP A 111 -5.82 -14.38 10.95
C ASP A 111 -4.80 -14.14 9.83
N ALA A 112 -3.70 -14.91 9.84
CA ALA A 112 -2.57 -14.64 8.97
C ALA A 112 -2.62 -15.35 7.61
N LEU A 113 -3.48 -16.38 7.45
CA LEU A 113 -3.43 -17.18 6.24
C LEU A 113 -3.72 -16.42 4.96
N PRO A 114 -4.69 -15.51 4.88
CA PRO A 114 -4.88 -14.82 3.59
C PRO A 114 -3.68 -13.97 3.21
N GLU A 115 -3.08 -13.27 4.20
CA GLU A 115 -1.92 -12.44 3.93
C GLU A 115 -0.75 -13.27 3.44
N TYR A 116 -0.50 -14.41 4.08
CA TYR A 116 0.58 -15.29 3.65
C TYR A 116 0.33 -15.78 2.23
N LEU A 117 -0.87 -16.27 1.95
CA LEU A 117 -1.20 -16.73 0.61
C LEU A 117 -0.96 -15.67 -0.46
N GLU A 118 -1.24 -14.40 -0.16
CA GLU A 118 -0.92 -13.36 -1.12
C GLU A 118 0.57 -13.32 -1.40
N GLU A 119 1.37 -13.22 -0.33
CA GLU A 119 2.82 -13.23 -0.46
C GLU A 119 3.26 -14.41 -1.30
N PHE A 120 2.73 -15.59 -0.99
CA PHE A 120 3.21 -16.80 -1.66
C PHE A 120 2.70 -16.89 -3.10
N THR A 121 1.48 -16.40 -3.38
CA THR A 121 0.99 -16.42 -4.76
C THR A 121 1.85 -15.53 -5.65
N ASN A 122 2.16 -14.33 -5.17
CA ASN A 122 3.08 -13.46 -5.91
C ASN A 122 4.43 -14.14 -6.13
N THR A 123 4.97 -14.78 -5.08
CA THR A 123 6.19 -15.56 -5.23
C THR A 123 6.05 -16.53 -6.39
N ALA A 124 4.92 -17.22 -6.47
CA ALA A 124 4.77 -18.28 -7.47
C ALA A 124 4.52 -17.74 -8.87
N SER A 125 3.99 -16.54 -9.01
CA SER A 125 3.70 -16.07 -10.36
C SER A 125 4.96 -15.70 -11.10
N ILE A 126 6.07 -15.51 -10.38
CA ILE A 126 7.31 -15.13 -11.05
C ILE A 126 7.71 -16.19 -12.04
N SER A 127 7.67 -17.45 -11.60
CA SER A 127 8.06 -18.58 -12.42
C SER A 127 6.94 -18.97 -13.37
N MET A 128 5.72 -19.08 -12.84
CA MET A 128 4.62 -19.64 -13.61
C MET A 128 4.20 -18.71 -14.74
N ASP A 129 3.91 -17.45 -14.43
CA ASP A 129 3.38 -16.55 -15.43
C ASP A 129 4.47 -15.81 -16.17
N ARG A 130 5.67 -16.35 -16.20
CA ARG A 130 6.74 -15.78 -16.99
C ARG A 130 6.44 -15.93 -18.47
N PRO A 131 6.39 -14.85 -19.24
CA PRO A 131 6.23 -14.97 -20.68
C PRO A 131 7.30 -15.88 -21.27
N ASP A 132 6.92 -16.63 -22.31
CA ASP A 132 7.86 -17.54 -22.95
C ASP A 132 9.01 -16.79 -23.61
N THR A 133 8.78 -15.55 -24.04
CA THR A 133 9.86 -14.72 -24.56
C THR A 133 11.05 -14.66 -23.59
N ARG A 134 10.79 -14.33 -22.33
CA ARG A 134 11.85 -14.12 -21.34
C ARG A 134 12.45 -15.41 -20.80
N ARG A 135 12.16 -16.56 -21.41
CA ARG A 135 12.77 -17.83 -21.02
C ARG A 135 14.01 -18.10 -21.84
N ILE A 136 15.12 -18.43 -21.18
CA ILE A 136 16.38 -18.72 -21.83
C ILE A 136 16.82 -20.12 -21.44
N PRO A 137 17.17 -20.99 -22.39
CA PRO A 137 17.66 -22.32 -22.01
C PRO A 137 19.00 -22.25 -21.32
N ALA A 138 19.24 -23.25 -20.47
CA ALA A 138 20.44 -23.26 -19.63
C ALA A 138 21.71 -23.08 -20.45
N ALA A 139 21.84 -23.81 -21.56
CA ALA A 139 23.08 -23.77 -22.32
C ALA A 139 23.34 -22.39 -22.92
N GLU A 140 22.30 -21.68 -23.35
CA GLU A 140 22.50 -20.31 -23.79
C GLU A 140 22.98 -19.43 -22.63
N LEU A 141 22.38 -19.61 -21.45
CA LEU A 141 22.76 -18.80 -20.28
C LEU A 141 24.23 -18.95 -19.94
N ALA A 142 24.76 -20.18 -19.99
CA ALA A 142 26.11 -20.46 -19.54
C ALA A 142 27.15 -19.58 -20.22
N VAL A 143 26.83 -19.04 -21.39
CA VAL A 143 27.69 -18.10 -22.10
C VAL A 143 27.05 -16.73 -22.20
N ALA A 144 26.02 -16.47 -21.41
CA ALA A 144 25.44 -15.15 -21.38
C ALA A 144 26.31 -14.20 -20.57
N ASP A 145 26.09 -12.91 -20.78
CA ASP A 145 26.74 -11.96 -19.91
C ASP A 145 26.09 -11.94 -18.53
N PHE A 146 26.87 -11.47 -17.55
CA PHE A 146 26.48 -11.15 -16.18
C PHE A 146 25.00 -10.84 -15.93
N GLN A 147 24.47 -9.79 -16.55
CA GLN A 147 23.14 -9.30 -16.19
C GLN A 147 22.01 -10.11 -16.82
N THR A 148 22.25 -10.82 -17.91
CA THR A 148 21.22 -11.72 -18.43
C THR A 148 20.90 -12.80 -17.40
N ILE A 149 21.94 -13.50 -16.92
CA ILE A 149 21.80 -14.40 -15.79
C ILE A 149 21.00 -13.74 -14.67
N GLU A 150 21.27 -12.46 -14.42
CA GLU A 150 20.65 -11.79 -13.27
C GLU A 150 19.15 -11.74 -13.41
N LYS A 151 18.67 -11.39 -14.60
CA LYS A 151 17.24 -11.28 -14.81
C LYS A 151 16.58 -12.64 -15.07
N THR A 152 17.33 -13.62 -15.58
CA THR A 152 16.73 -14.93 -15.80
C THR A 152 16.53 -15.72 -14.51
N MET A 153 17.10 -15.28 -13.39
CA MET A 153 16.90 -15.97 -12.13
C MET A 153 15.42 -15.96 -11.76
N THR A 154 14.90 -17.08 -11.22
CA THR A 154 13.56 -17.10 -10.61
C THR A 154 13.48 -17.80 -9.26
N GLU A 155 14.46 -18.66 -8.91
CA GLU A 155 14.38 -19.47 -7.69
C GLU A 155 14.26 -18.61 -6.43
N GLY A 156 14.92 -17.46 -6.39
CA GLY A 156 14.91 -16.71 -5.14
C GLY A 156 15.68 -17.42 -4.04
N HIS A 157 15.42 -17.01 -2.79
CA HIS A 157 16.04 -17.61 -1.61
C HIS A 157 15.79 -19.12 -1.56
N PRO A 158 16.82 -19.96 -1.54
CA PRO A 158 16.57 -21.43 -1.60
C PRO A 158 15.83 -22.01 -0.39
N CYS A 159 15.83 -21.33 0.77
CA CYS A 159 15.24 -21.90 1.97
C CYS A 159 13.82 -21.43 2.19
N LEU A 160 13.59 -20.13 2.11
CA LEU A 160 12.27 -19.59 2.41
C LEU A 160 11.32 -19.84 1.25
N VAL A 161 10.07 -20.11 1.56
CA VAL A 161 9.10 -20.42 0.51
C VAL A 161 8.48 -19.16 -0.08
N ALA A 162 7.93 -18.30 0.78
CA ALA A 162 7.27 -17.06 0.32
C ALA A 162 8.31 -15.94 0.11
N ASN A 163 9.22 -16.17 -0.83
CA ASN A 163 10.45 -15.41 -0.88
C ASN A 163 10.42 -14.20 -1.81
N ALA A 164 9.30 -13.93 -2.47
CA ALA A 164 9.19 -12.79 -3.38
C ALA A 164 7.79 -12.19 -3.26
N GLY A 165 7.46 -11.69 -2.07
CA GLY A 165 6.16 -11.07 -1.90
C GLY A 165 6.05 -9.77 -2.66
N ARG A 166 7.10 -8.95 -2.64
CA ARG A 166 7.11 -7.61 -3.22
C ARG A 166 5.81 -6.88 -2.93
N LEU A 167 5.26 -7.15 -1.76
CA LEU A 167 4.09 -6.46 -1.26
C LEU A 167 4.30 -4.95 -1.31
N GLY A 168 3.44 -4.26 -2.07
CA GLY A 168 3.61 -2.86 -2.39
C GLY A 168 3.66 -2.58 -3.89
N PHE A 169 4.18 -3.53 -4.68
CA PHE A 169 4.26 -3.33 -6.11
C PHE A 169 2.94 -3.70 -6.76
N SER A 170 2.44 -2.82 -7.61
CA SER A 170 1.32 -3.17 -8.46
C SER A 170 1.81 -4.14 -9.52
N ALA A 171 0.89 -4.57 -10.39
CA ALA A 171 1.30 -5.48 -11.46
C ALA A 171 2.14 -4.77 -12.50
N ASP A 172 2.01 -3.45 -12.63
CA ASP A 172 2.93 -2.72 -13.48
C ASP A 172 4.28 -2.57 -12.81
N ASP A 173 4.30 -2.20 -11.53
CA ASP A 173 5.57 -2.04 -10.86
C ASP A 173 6.39 -3.32 -10.98
N ILE A 174 5.73 -4.49 -10.97
CA ILE A 174 6.47 -5.71 -11.24
C ILE A 174 7.03 -5.66 -12.65
N GLU A 175 6.24 -5.20 -13.61
CA GLU A 175 6.66 -5.19 -15.00
C GLU A 175 7.93 -4.35 -15.21
N ARG A 176 8.08 -3.24 -14.49
CA ARG A 176 9.16 -2.29 -14.73
C ARG A 176 10.32 -2.43 -13.78
N TYR A 177 10.05 -2.81 -12.55
CA TYR A 177 11.05 -2.76 -11.52
C TYR A 177 11.43 -4.12 -10.94
N ALA A 178 10.84 -5.15 -11.43
CA ALA A 178 11.34 -6.35 -10.76
C ALA A 178 12.52 -6.95 -11.54
N PRO A 179 13.45 -7.61 -10.83
CA PRO A 179 14.61 -8.17 -11.52
C PRO A 179 14.24 -9.09 -12.66
N GLU A 180 13.35 -10.05 -12.41
CA GLU A 180 12.99 -11.05 -13.42
C GLU A 180 12.29 -10.45 -14.63
N SER A 181 11.83 -9.20 -14.53
CA SER A 181 11.35 -8.51 -15.73
C SER A 181 12.49 -8.08 -16.62
N GLY A 182 13.58 -7.57 -16.04
CA GLY A 182 14.73 -7.16 -16.81
C GLY A 182 14.66 -5.74 -17.32
N GLY A 183 13.91 -4.89 -16.63
CA GLY A 183 13.75 -3.53 -17.08
C GLY A 183 15.05 -2.76 -17.06
N ARG A 184 15.09 -1.71 -17.87
CA ARG A 184 16.24 -0.82 -17.97
C ARG A 184 15.68 0.60 -17.82
N PHE A 185 15.49 1.05 -16.58
CA PHE A 185 14.98 2.39 -16.32
C PHE A 185 16.09 3.34 -15.89
N ALA A 186 15.72 4.63 -15.78
CA ALA A 186 16.58 5.69 -15.27
C ALA A 186 16.27 5.95 -13.80
N LEU A 187 17.16 6.65 -13.13
CA LEU A 187 16.92 7.04 -11.74
C LEU A 187 16.48 8.49 -11.73
N GLU A 188 15.48 8.81 -10.92
CA GLU A 188 15.16 10.22 -10.70
C GLU A 188 16.13 10.79 -9.68
N TRP A 189 16.57 12.03 -9.90
CA TRP A 189 17.47 12.70 -8.98
C TRP A 189 16.75 13.86 -8.29
N VAL A 190 17.12 14.13 -7.05
CA VAL A 190 16.61 15.31 -6.37
C VAL A 190 17.75 16.04 -5.68
N ALA A 191 17.52 17.33 -5.42
CA ALA A 191 18.42 18.14 -4.63
C ALA A 191 17.88 18.19 -3.21
N VAL A 192 18.71 17.82 -2.24
CA VAL A 192 18.34 17.92 -0.83
C VAL A 192 19.27 18.91 -0.12
N LEU A 193 18.67 19.79 0.68
CA LEU A 193 19.38 20.79 1.46
C LEU A 193 20.50 20.16 2.30
N ARG A 194 21.70 20.71 2.22
CA ARG A 194 22.80 20.04 2.90
C ARG A 194 22.61 20.04 4.41
N VAL A 195 21.83 20.98 4.93
CA VAL A 195 21.61 21.06 6.37
C VAL A 195 20.66 19.98 6.88
N ASN A 196 19.85 19.41 6.00
CA ASN A 196 18.95 18.33 6.38
C ASN A 196 19.47 16.96 5.96
N THR A 197 20.72 16.86 5.49
CA THR A 197 21.21 15.64 4.88
C THR A 197 22.54 15.23 5.49
N ASP A 198 22.74 13.92 5.60
CA ASP A 198 24.00 13.31 6.03
C ASP A 198 24.66 12.64 4.84
N PHE A 199 25.79 13.16 4.41
CA PHE A 199 26.61 12.47 3.44
C PHE A 199 27.82 11.82 4.12
N ALA A 200 28.31 10.76 3.53
CA ALA A 200 29.42 10.02 4.11
C ALA A 200 30.13 9.28 2.98
N ALA A 201 31.37 8.87 3.25
CA ALA A 201 32.17 8.20 2.24
C ALA A 201 33.28 7.46 2.94
N MET A 202 33.89 6.53 2.22
CA MET A 202 35.06 5.92 2.80
C MET A 202 36.26 6.82 2.47
N SER A 203 37.40 6.50 3.07
CA SER A 203 38.63 7.23 2.74
C SER A 203 38.90 7.11 1.25
N GLY A 204 39.15 8.23 0.60
CA GLY A 204 39.40 8.24 -0.81
C GLY A 204 38.22 8.67 -1.63
N THR A 205 37.02 8.60 -1.07
CA THR A 205 35.81 9.04 -1.74
C THR A 205 35.36 10.36 -1.15
N GLU A 206 34.97 11.28 -2.04
CA GLU A 206 34.42 12.58 -1.66
C GLU A 206 33.17 12.84 -2.52
N TYR A 207 32.22 13.59 -1.96
CA TYR A 207 31.01 13.90 -2.73
C TYR A 207 31.33 14.52 -4.07
N ASP A 208 32.21 15.54 -4.08
CA ASP A 208 32.40 16.33 -5.29
C ASP A 208 32.94 15.49 -6.43
N THR A 209 33.74 14.47 -6.12
CA THR A 209 34.32 13.65 -7.16
C THR A 209 33.45 12.45 -7.51
N LEU A 210 32.75 11.89 -6.52
CA LEU A 210 31.77 10.85 -6.80
C LEU A 210 30.70 11.35 -7.76
N ILE A 211 30.05 12.47 -7.41
CA ILE A 211 29.02 13.02 -8.27
C ILE A 211 29.55 13.35 -9.67
N ARG A 212 30.83 13.72 -9.78
CA ARG A 212 31.38 13.98 -11.12
C ARG A 212 31.47 12.68 -11.93
N ASP A 213 32.10 11.64 -11.37
CA ASP A 213 32.27 10.40 -12.13
C ASP A 213 30.94 9.75 -12.40
N GLU A 214 29.95 9.99 -11.55
CA GLU A 214 28.68 9.31 -11.71
C GLU A 214 27.82 10.00 -12.76
N LEU A 215 27.72 11.31 -12.74
CA LEU A 215 26.73 11.97 -13.57
C LEU A 215 27.33 12.71 -14.76
N GLY A 216 28.58 13.16 -14.67
CA GLY A 216 29.24 13.83 -15.77
C GLY A 216 28.94 15.32 -15.81
N ALA A 217 29.66 16.01 -16.68
CA ALA A 217 29.58 17.47 -16.73
C ALA A 217 28.19 17.94 -17.16
N ASP A 218 27.74 17.49 -18.35
CA ASP A 218 26.47 17.95 -18.91
C ASP A 218 25.32 17.75 -17.93
N THR A 219 25.19 16.54 -17.38
CA THR A 219 24.09 16.25 -16.47
C THR A 219 24.16 17.17 -15.24
N LEU A 220 25.32 17.25 -14.61
CA LEU A 220 25.45 18.06 -13.41
C LEU A 220 25.06 19.50 -13.71
N ALA A 221 25.42 19.98 -14.90
CA ALA A 221 25.03 21.33 -15.30
C ALA A 221 23.52 21.42 -15.46
N ARG A 222 22.92 20.44 -16.14
CA ARG A 222 21.47 20.48 -16.34
C ARG A 222 20.76 20.54 -15.00
N PHE A 223 21.05 19.61 -14.09
CA PHE A 223 20.48 19.67 -12.75
C PHE A 223 20.65 21.05 -12.14
N ASP A 224 21.80 21.69 -12.41
CA ASP A 224 22.14 22.97 -11.78
C ASP A 224 21.27 24.10 -12.28
N ARG A 225 20.95 24.12 -13.58
CA ARG A 225 20.10 25.18 -14.12
C ARG A 225 18.70 25.07 -13.55
N VAL A 226 18.10 23.87 -13.60
CA VAL A 226 16.90 23.53 -12.85
C VAL A 226 16.93 24.25 -11.52
N LEU A 227 18.01 24.06 -10.79
CA LEU A 227 18.07 24.56 -9.42
C LEU A 227 18.15 26.09 -9.39
N THR A 228 18.94 26.70 -10.29
CA THR A 228 19.10 28.16 -10.26
C THR A 228 17.88 28.87 -10.83
N GLY A 229 17.21 28.28 -11.81
CA GLY A 229 15.95 28.83 -12.27
C GLY A 229 14.87 28.81 -11.20
N ARG A 230 14.90 27.83 -10.32
CA ARG A 230 14.07 27.99 -9.15
C ARG A 230 14.65 29.04 -8.15
N GLY A 231 15.65 29.81 -8.56
CA GLY A 231 16.22 30.82 -7.68
C GLY A 231 16.98 30.25 -6.52
N LEU A 232 17.42 29.01 -6.62
CA LEU A 232 18.15 28.36 -5.54
C LEU A 232 19.62 28.21 -5.91
N ASP A 233 20.46 28.27 -4.88
CA ASP A 233 21.90 28.14 -5.04
C ASP A 233 22.29 26.67 -4.94
N PRO A 234 22.88 26.08 -6.01
CA PRO A 234 23.26 24.66 -5.98
C PRO A 234 24.25 24.27 -4.89
N ALA A 235 24.75 25.23 -4.12
CA ALA A 235 25.73 24.91 -3.10
C ALA A 235 25.11 24.57 -1.76
N SER A 236 23.85 24.96 -1.54
CA SER A 236 23.10 24.59 -0.33
C SER A 236 22.62 23.14 -0.35
N TYR A 237 22.85 22.41 -1.44
CA TYR A 237 22.20 21.13 -1.72
C TYR A 237 23.22 20.03 -2.03
N TYR A 238 22.79 18.79 -1.79
CA TYR A 238 23.34 17.62 -2.47
C TYR A 238 22.34 17.13 -3.51
N TYR A 239 22.86 16.54 -4.56
CA TYR A 239 22.07 15.67 -5.41
C TYR A 239 22.13 14.24 -4.89
N MET A 240 21.01 13.52 -4.95
CA MET A 240 20.95 12.13 -4.55
C MET A 240 19.91 11.42 -5.40
N PRO A 241 20.12 10.15 -5.71
CA PRO A 241 19.17 9.42 -6.58
C PRO A 241 18.01 8.85 -5.79
N VAL A 242 16.89 8.66 -6.50
CA VAL A 242 15.64 8.15 -5.93
C VAL A 242 15.06 7.10 -6.88
N HIS A 243 14.68 5.94 -6.33
CA HIS A 243 13.94 4.94 -7.11
C HIS A 243 12.60 5.54 -7.58
N PRO A 244 12.29 5.50 -8.87
CA PRO A 244 11.07 6.20 -9.34
C PRO A 244 9.80 5.75 -8.61
N TRP A 245 9.75 4.50 -8.17
CA TRP A 245 8.62 4.04 -7.38
C TRP A 245 8.57 4.75 -6.03
N GLN A 246 9.70 4.75 -5.31
CA GLN A 246 9.70 5.36 -3.99
C GLN A 246 9.34 6.83 -4.08
N TRP A 247 9.80 7.49 -5.13
CA TRP A 247 9.50 8.91 -5.29
C TRP A 247 8.00 9.16 -5.34
N ALA A 248 7.29 8.50 -6.26
CA ALA A 248 5.86 8.77 -6.43
C ALA A 248 5.03 8.16 -5.31
N GLU A 249 5.40 6.97 -4.82
CA GLU A 249 4.58 6.36 -3.80
C GLU A 249 4.88 6.91 -2.41
N LYS A 250 6.10 7.38 -2.14
CA LYS A 250 6.36 7.79 -0.77
C LYS A 250 6.86 9.23 -0.63
N ILE A 251 7.89 9.62 -1.39
CA ILE A 251 8.53 10.89 -1.13
C ILE A 251 7.61 12.04 -1.50
N ALA A 252 7.01 11.98 -2.70
CA ALA A 252 6.23 13.11 -3.21
C ALA A 252 5.02 13.41 -2.33
N ARG A 253 4.44 12.38 -1.73
CA ARG A 253 3.34 12.59 -0.80
C ARG A 253 3.82 12.85 0.63
N ILE A 254 4.65 11.97 1.21
CA ILE A 254 4.98 12.08 2.63
C ILE A 254 5.85 13.32 2.92
N TYR A 255 6.83 13.61 2.07
CA TYR A 255 7.61 14.83 2.20
C TYR A 255 6.99 15.97 1.42
N ALA A 256 5.66 16.01 1.33
CA ALA A 256 4.99 17.01 0.50
C ALA A 256 5.32 18.41 0.95
N VAL A 257 5.34 18.65 2.26
CA VAL A 257 5.62 20.00 2.76
C VAL A 257 7.04 20.41 2.43
N ASP A 258 8.00 19.47 2.50
CA ASP A 258 9.40 19.80 2.24
C ASP A 258 9.63 20.12 0.78
N ILE A 259 9.02 19.36 -0.12
CA ILE A 259 9.15 19.65 -1.55
C ILE A 259 8.53 21.01 -1.86
N ALA A 260 7.41 21.30 -1.20
CA ALA A 260 6.78 22.62 -1.35
C ALA A 260 7.75 23.69 -0.93
N GLU A 261 8.18 23.63 0.30
CA GLU A 261 9.09 24.57 0.90
C GLU A 261 10.51 24.50 0.32
N GLY A 262 10.81 23.82 -0.77
CA GLY A 262 12.11 23.91 -1.41
C GLY A 262 13.28 23.19 -0.74
N ARG A 263 13.05 22.38 0.30
CA ARG A 263 14.16 21.61 0.87
C ARG A 263 14.45 20.34 0.08
N ILE A 264 13.51 19.85 -0.73
CA ILE A 264 13.74 18.77 -1.68
C ILE A 264 13.30 19.26 -3.04
N VAL A 265 14.18 19.13 -4.03
CA VAL A 265 13.87 19.69 -5.34
C VAL A 265 14.08 18.66 -6.43
N PRO A 266 13.02 18.15 -7.05
CA PRO A 266 13.17 17.34 -8.26
C PRO A 266 13.99 18.09 -9.30
N VAL A 267 14.89 17.36 -9.98
CA VAL A 267 15.77 18.02 -10.95
C VAL A 267 15.83 17.22 -12.24
N GLY A 268 15.21 16.04 -12.27
CA GLY A 268 15.13 15.25 -13.47
C GLY A 268 15.76 13.87 -13.31
N ALA A 269 15.90 13.18 -14.44
CA ALA A 269 16.44 11.83 -14.49
C ALA A 269 17.85 11.86 -15.08
N GLY A 270 18.74 11.01 -14.55
CA GLY A 270 20.05 10.84 -15.12
C GLY A 270 19.99 10.10 -16.45
N PRO A 271 20.95 10.35 -17.33
CA PRO A 271 20.89 9.69 -18.64
C PRO A 271 21.05 8.17 -18.57
N ASP A 272 21.87 7.65 -17.67
CA ASP A 272 22.18 6.21 -17.67
C ASP A 272 20.96 5.35 -17.35
N ARG A 273 20.95 4.13 -17.88
CA ARG A 273 19.89 3.15 -17.64
C ARG A 273 20.36 2.04 -16.71
N TYR A 274 19.48 1.62 -15.80
CA TYR A 274 19.81 0.68 -14.72
C TYR A 274 19.01 -0.60 -14.83
N GLN A 275 19.58 -1.70 -14.33
CA GLN A 275 18.84 -2.95 -14.26
C GLN A 275 18.76 -3.37 -12.80
N PRO A 276 17.56 -3.50 -12.24
CA PRO A 276 17.42 -4.03 -10.86
C PRO A 276 18.11 -5.38 -10.69
N GLN A 277 18.77 -5.56 -9.55
CA GLN A 277 19.37 -6.85 -9.22
C GLN A 277 18.39 -7.63 -8.36
N GLN A 278 18.75 -8.86 -8.00
CA GLN A 278 17.81 -9.69 -7.25
C GLN A 278 17.32 -8.97 -6.00
N SER A 279 18.14 -8.09 -5.43
CA SER A 279 17.74 -7.28 -4.29
C SER A 279 16.56 -6.35 -4.58
N ILE A 280 16.22 -6.10 -5.85
CA ILE A 280 15.13 -5.22 -6.28
C ILE A 280 15.54 -3.76 -6.15
N ARG A 281 16.00 -3.37 -4.96
CA ARG A 281 16.37 -1.98 -4.66
C ARG A 281 17.84 -1.68 -4.89
N THR A 282 18.62 -2.62 -5.40
CA THR A 282 19.97 -2.35 -5.87
C THR A 282 19.96 -2.44 -7.38
N VAL A 283 20.38 -1.37 -8.05
CA VAL A 283 20.37 -1.35 -9.51
C VAL A 283 21.80 -1.25 -10.01
N PHE A 284 22.02 -1.84 -11.19
CA PHE A 284 23.32 -1.91 -11.86
C PHE A 284 23.29 -1.01 -13.07
N ASN A 285 24.32 -0.19 -13.22
CA ASN A 285 24.43 0.68 -14.38
C ASN A 285 24.75 -0.16 -15.62
N VAL A 286 23.75 -0.38 -16.49
CA VAL A 286 24.03 -1.12 -17.71
C VAL A 286 24.56 -0.23 -18.83
N SER A 287 24.29 1.07 -18.78
CA SER A 287 24.84 1.95 -19.82
C SER A 287 26.35 2.09 -19.69
N VAL A 288 26.83 2.29 -18.46
CA VAL A 288 28.24 2.46 -18.09
C VAL A 288 28.57 1.44 -17.01
N PRO A 289 28.87 0.17 -17.37
CA PRO A 289 28.98 -0.89 -16.34
C PRO A 289 30.03 -0.65 -15.28
N THR A 290 31.00 0.21 -15.52
CA THR A 290 31.98 0.44 -14.48
C THR A 290 31.56 1.52 -13.48
N ARG A 291 30.56 2.34 -13.79
CA ARG A 291 29.98 3.23 -12.79
C ARG A 291 29.36 2.39 -11.67
N HIS A 292 28.99 3.06 -10.59
CA HIS A 292 28.55 2.35 -9.40
C HIS A 292 27.16 1.75 -9.52
N TYR A 293 26.98 0.58 -8.90
CA TYR A 293 25.65 0.20 -8.44
C TYR A 293 25.08 1.34 -7.61
N VAL A 294 23.75 1.45 -7.58
CA VAL A 294 23.05 2.33 -6.66
C VAL A 294 22.06 1.50 -5.85
N LYS A 295 22.03 1.73 -4.54
CA LYS A 295 21.07 1.11 -3.64
C LYS A 295 20.19 2.19 -3.08
N THR A 296 18.88 2.07 -3.29
CA THR A 296 17.90 3.09 -2.96
C THR A 296 16.95 2.55 -1.91
N ALA A 297 16.27 3.43 -1.21
CA ALA A 297 15.20 2.98 -0.31
C ALA A 297 13.97 2.57 -1.12
N LEU A 298 13.46 1.36 -0.86
CA LEU A 298 12.23 0.87 -1.49
C LEU A 298 11.32 0.43 -0.35
N SER A 299 10.41 1.30 0.06
CA SER A 299 9.50 0.94 1.15
C SER A 299 8.44 -0.05 0.67
N ILE A 300 8.85 -1.26 0.32
CA ILE A 300 7.96 -2.37 0.03
C ILE A 300 8.33 -3.50 0.99
N VAL A 301 7.48 -4.52 1.06
CA VAL A 301 7.70 -5.61 1.98
C VAL A 301 8.05 -6.86 1.21
N ASN A 302 9.23 -7.41 1.47
CA ASN A 302 9.70 -8.61 0.79
C ASN A 302 10.35 -9.55 1.78
N MET A 303 9.74 -10.71 2.00
CA MET A 303 10.14 -11.65 3.06
C MET A 303 10.10 -10.95 4.42
N GLY A 304 8.91 -10.44 4.75
CA GLY A 304 8.60 -9.91 6.07
C GLY A 304 9.28 -8.62 6.44
N PHE A 305 10.26 -8.17 5.66
CA PHE A 305 11.10 -7.02 5.96
C PHE A 305 10.73 -5.86 5.04
N THR A 306 10.87 -4.64 5.54
CA THR A 306 10.77 -3.47 4.67
C THR A 306 12.14 -3.18 4.07
N ARG A 307 12.13 -2.64 2.86
CA ARG A 307 13.34 -2.36 2.11
C ARG A 307 13.65 -0.86 2.04
N GLY A 308 13.17 -0.09 3.01
CA GLY A 308 13.64 1.26 3.20
C GLY A 308 15.07 1.24 3.71
N MET A 309 15.60 2.45 3.92
CA MET A 309 16.94 2.62 4.47
C MET A 309 16.94 3.85 5.35
N SER A 310 17.33 3.69 6.62
CA SER A 310 17.40 4.83 7.52
C SER A 310 18.59 5.72 7.15
N ALA A 311 18.39 7.04 7.26
CA ALA A 311 19.52 7.96 7.19
C ALA A 311 20.47 7.70 8.33
N ASP A 312 19.93 7.21 9.43
CA ASP A 312 20.76 6.79 10.55
C ASP A 312 21.84 5.83 10.09
N TYR A 313 21.47 4.79 9.35
CA TYR A 313 22.48 3.86 8.86
C TYR A 313 23.35 4.48 7.78
N MET A 314 22.84 5.50 7.10
CA MET A 314 23.57 6.06 5.99
C MET A 314 24.84 6.71 6.51
N ARG A 315 24.74 7.30 7.72
CA ARG A 315 25.90 7.92 8.40
C ARG A 315 27.03 6.93 8.58
N THR A 316 26.72 5.75 9.13
CA THR A 316 27.75 4.86 9.59
C THR A 316 28.20 3.84 8.55
N THR A 317 27.36 3.50 7.57
CA THR A 317 27.72 2.38 6.69
C THR A 317 29.04 2.61 5.95
N PRO A 318 29.28 3.76 5.30
CA PRO A 318 30.61 3.96 4.68
C PRO A 318 31.77 3.86 5.66
N LEU A 319 31.53 4.21 6.92
CA LEU A 319 32.59 4.14 7.93
C LEU A 319 32.93 2.70 8.29
N ILE A 320 31.91 1.89 8.59
CA ILE A 320 32.14 0.46 8.82
C ILE A 320 32.93 -0.13 7.68
N ASN A 321 32.64 0.30 6.44
CA ASN A 321 33.34 -0.25 5.30
C ASN A 321 34.82 0.13 5.30
N ASP A 322 35.12 1.37 5.66
CA ASP A 322 36.52 1.80 5.73
C ASP A 322 37.29 0.99 6.77
N TRP A 323 36.66 0.71 7.91
CA TRP A 323 37.29 -0.16 8.89
C TRP A 323 37.62 -1.52 8.27
N VAL A 324 36.59 -2.22 7.77
CA VAL A 324 36.79 -3.54 7.20
C VAL A 324 37.88 -3.52 6.13
N ARG A 325 37.84 -2.51 5.23
CA ARG A 325 38.81 -2.48 4.15
C ARG A 325 40.24 -2.38 4.66
N SER A 326 40.44 -1.71 5.79
CA SER A 326 41.79 -1.53 6.30
C SER A 326 42.27 -2.69 7.17
N ARG A 327 41.36 -3.46 7.78
CA ARG A 327 41.72 -4.75 8.37
C ARG A 327 42.22 -5.74 7.30
N VAL A 328 41.53 -5.82 6.16
CA VAL A 328 41.88 -6.78 5.12
C VAL A 328 42.76 -6.19 4.04
N HIS A 329 43.05 -4.89 4.09
CA HIS A 329 43.99 -4.29 3.15
C HIS A 329 45.33 -5.00 3.25
N GLY A 330 45.87 -5.40 2.09
CA GLY A 330 47.18 -6.01 2.03
C GLY A 330 47.26 -7.44 2.52
N ASP A 331 46.16 -8.19 2.54
CA ASP A 331 46.20 -9.54 3.09
C ASP A 331 46.78 -10.50 2.07
N PRO A 332 47.90 -11.15 2.35
CA PRO A 332 48.55 -11.98 1.33
C PRO A 332 47.77 -13.21 0.94
N TYR A 333 47.01 -13.83 1.85
CA TYR A 333 46.26 -15.02 1.47
C TYR A 333 45.08 -14.65 0.58
N LEU A 334 44.29 -13.67 1.02
CA LEU A 334 43.20 -13.16 0.20
C LEU A 334 43.69 -12.69 -1.16
N ALA A 335 44.85 -12.05 -1.20
CA ALA A 335 45.36 -11.66 -2.51
C ALA A 335 45.73 -12.88 -3.34
N SER A 336 46.15 -13.95 -2.69
CA SER A 336 46.65 -15.07 -3.46
C SER A 336 45.53 -15.86 -4.09
N ILE A 337 44.33 -15.85 -3.48
CA ILE A 337 43.16 -16.53 -4.03
C ILE A 337 42.26 -15.59 -4.86
N GLY A 338 42.54 -14.29 -4.89
CA GLY A 338 41.76 -13.41 -5.72
C GLY A 338 40.50 -12.89 -5.08
N PHE A 339 40.30 -13.13 -3.79
CA PHE A 339 39.06 -12.73 -3.13
C PHE A 339 38.96 -11.22 -3.05
N GLU A 340 38.00 -10.62 -3.76
CA GLU A 340 37.66 -9.22 -3.58
C GLU A 340 36.41 -9.01 -2.72
N MET A 341 36.32 -7.80 -2.20
CA MET A 341 35.14 -7.22 -1.59
C MET A 341 34.83 -5.97 -2.39
N ILE A 342 33.55 -5.72 -2.67
CA ILE A 342 33.15 -4.46 -3.27
C ILE A 342 32.38 -3.68 -2.22
N TYR A 343 32.81 -2.47 -1.97
CA TYR A 343 32.34 -1.76 -0.80
C TYR A 343 31.23 -0.78 -1.16
N GLU A 344 30.48 -0.42 -0.12
CA GLU A 344 29.54 0.71 -0.17
C GLU A 344 30.38 1.95 0.08
N VAL A 345 30.75 2.65 -0.99
CA VAL A 345 31.74 3.72 -0.87
C VAL A 345 31.17 5.04 -0.39
N ALA A 346 29.84 5.22 -0.46
CA ALA A 346 29.28 6.50 -0.03
C ALA A 346 27.78 6.33 0.20
N ALA A 347 27.26 7.03 1.21
CA ALA A 347 25.85 7.00 1.56
C ALA A 347 25.35 8.42 1.80
N ILE A 348 24.06 8.62 1.59
CA ILE A 348 23.43 9.93 1.76
C ILE A 348 22.03 9.68 2.30
N GLY A 349 21.60 10.53 3.22
CA GLY A 349 20.37 10.31 3.94
C GLY A 349 19.71 11.61 4.34
N TYR A 350 18.39 11.71 4.13
CA TYR A 350 17.63 12.92 4.43
C TYR A 350 16.91 12.73 5.77
N ARG A 351 17.02 13.73 6.64
CA ARG A 351 16.32 13.74 7.92
C ARG A 351 15.28 14.84 7.90
N ASN A 352 14.08 14.52 8.34
CA ASN A 352 13.00 15.49 8.41
C ASN A 352 12.79 15.86 9.87
N THR A 353 12.87 17.16 10.17
CA THR A 353 12.83 17.62 11.56
C THR A 353 11.54 17.17 12.24
N THR A 354 10.40 17.52 11.66
CA THR A 354 9.11 17.20 12.26
C THR A 354 8.89 15.70 12.37
N LEU A 355 9.35 14.95 11.37
CA LEU A 355 9.14 13.51 11.34
C LEU A 355 10.10 12.78 12.26
N THR A 356 11.35 13.23 12.34
CA THR A 356 12.28 12.64 13.29
C THR A 356 11.84 12.92 14.71
N ALA A 357 11.23 14.09 14.91
CA ALA A 357 10.70 14.46 16.22
C ALA A 357 9.71 13.42 16.75
N ILE A 358 8.69 13.10 15.95
CA ILE A 358 7.55 12.32 16.45
C ILE A 358 7.72 10.82 16.28
N THR A 359 8.95 10.34 16.07
CA THR A 359 9.16 8.93 15.79
C THR A 359 10.35 8.38 16.57
N ARG A 360 10.18 7.14 17.06
CA ARG A 360 11.27 6.38 17.68
C ARG A 360 12.16 5.81 16.59
N PRO A 361 13.40 5.45 16.94
CA PRO A 361 14.29 4.83 15.96
C PRO A 361 13.71 3.55 15.38
N GLY A 362 14.03 3.31 14.11
CA GLY A 362 13.49 2.17 13.40
C GLY A 362 12.19 2.44 12.66
N SER A 363 11.61 3.62 12.84
CA SER A 363 10.35 3.94 12.17
C SER A 363 10.54 3.97 10.67
N GLU A 364 9.54 3.46 9.93
CA GLU A 364 9.59 3.52 8.47
C GLU A 364 9.50 4.95 7.96
N TYR A 365 9.08 5.89 8.79
CA TYR A 365 9.11 7.28 8.35
C TYR A 365 10.54 7.82 8.34
N ARG A 366 11.49 7.08 8.91
CA ARG A 366 12.90 7.44 8.85
C ARG A 366 13.66 6.66 7.78
N LYS A 367 13.01 5.75 7.05
CA LYS A 367 13.66 4.94 6.02
C LYS A 367 13.20 5.30 4.59
N LEU A 368 12.77 6.54 4.36
CA LEU A 368 12.20 6.87 3.05
C LEU A 368 13.22 7.41 2.06
N LEU A 369 13.97 8.44 2.42
CA LEU A 369 14.88 9.15 1.49
C LEU A 369 16.33 8.89 1.91
N SER A 370 16.92 7.88 1.27
CA SER A 370 18.29 7.42 1.48
C SER A 370 18.78 6.80 0.19
N ALA A 371 20.10 6.67 0.08
CA ALA A 371 20.75 6.09 -1.09
C ALA A 371 22.22 5.86 -0.72
N LEU A 372 22.82 4.82 -1.32
CA LEU A 372 24.25 4.64 -1.15
C LEU A 372 24.81 4.02 -2.42
N TRP A 373 26.06 4.37 -2.73
CA TRP A 373 26.75 3.89 -3.91
C TRP A 373 27.65 2.72 -3.56
N ARG A 374 27.82 1.80 -4.50
CA ARG A 374 28.65 0.64 -4.27
C ARG A 374 29.49 0.37 -5.51
N GLU A 375 30.73 -0.09 -5.28
CA GLU A 375 31.66 -0.38 -6.36
C GLU A 375 31.10 -1.41 -7.32
N SER A 376 31.21 -1.13 -8.66
CA SER A 376 30.89 -2.28 -9.48
C SER A 376 32.13 -3.14 -9.70
N PRO A 377 31.98 -4.45 -9.90
CA PRO A 377 33.16 -5.32 -10.03
C PRO A 377 33.79 -5.32 -11.41
N VAL A 378 33.22 -4.64 -12.40
CA VAL A 378 33.50 -4.97 -13.79
C VAL A 378 34.96 -4.67 -14.17
N SER A 379 35.56 -3.63 -13.60
CA SER A 379 36.92 -3.28 -13.99
C SER A 379 37.93 -4.32 -13.50
N ARG A 380 37.62 -5.00 -12.42
CA ARG A 380 38.50 -5.98 -11.80
C ARG A 380 38.52 -7.31 -12.52
N VAL A 381 38.07 -7.47 -13.75
CA VAL A 381 38.02 -8.79 -14.36
C VAL A 381 38.52 -8.73 -15.80
N ALA A 382 39.20 -9.80 -16.22
CA ALA A 382 39.72 -9.95 -17.57
C ALA A 382 38.60 -9.92 -18.62
N GLU A 383 38.99 -9.76 -19.88
CA GLU A 383 37.98 -9.72 -20.93
C GLU A 383 37.38 -11.10 -21.16
N HIS A 384 38.21 -12.14 -21.05
CA HIS A 384 37.74 -13.50 -21.20
C HIS A 384 37.03 -14.03 -19.96
N GLU A 385 37.08 -13.34 -18.84
CA GLU A 385 36.35 -13.81 -17.66
C GLU A 385 34.87 -13.48 -17.78
N GLN A 386 34.10 -14.03 -16.85
CA GLN A 386 32.64 -13.95 -16.85
C GLN A 386 32.16 -13.82 -15.41
N LEU A 387 31.23 -12.90 -15.17
CA LEU A 387 30.63 -12.71 -13.85
C LEU A 387 29.26 -13.38 -13.77
N THR A 388 28.92 -13.89 -12.59
CA THR A 388 27.61 -14.51 -12.40
C THR A 388 27.23 -14.45 -10.92
N THR A 389 25.96 -14.16 -10.67
CA THR A 389 25.44 -14.29 -9.32
C THR A 389 25.64 -15.72 -8.87
N MET A 390 26.02 -15.89 -7.61
CA MET A 390 26.21 -17.26 -7.13
C MET A 390 24.90 -18.01 -7.17
N ALA A 391 23.79 -17.32 -6.98
CA ALA A 391 22.47 -17.93 -7.06
C ALA A 391 22.30 -18.71 -8.36
N ALA A 392 23.14 -18.47 -9.36
CA ALA A 392 23.01 -19.20 -10.61
C ALA A 392 23.34 -20.69 -10.47
N LEU A 393 24.05 -21.12 -9.43
CA LEU A 393 24.33 -22.55 -9.31
C LEU A 393 23.07 -23.34 -8.97
N LEU A 394 22.11 -22.70 -8.33
CA LEU A 394 20.81 -23.29 -8.05
C LEU A 394 19.77 -23.04 -9.14
N HIS A 395 20.16 -22.44 -10.26
CA HIS A 395 19.19 -22.20 -11.34
C HIS A 395 18.98 -23.45 -12.15
N ILE A 396 17.72 -23.66 -12.56
CA ILE A 396 17.29 -24.75 -13.42
C ILE A 396 16.40 -24.16 -14.49
N ASP A 397 16.66 -24.50 -15.75
CA ASP A 397 15.84 -23.88 -16.78
C ASP A 397 14.49 -24.60 -16.93
N HIS A 398 13.58 -23.95 -17.66
CA HIS A 398 12.22 -24.45 -17.85
C HIS A 398 12.19 -25.87 -18.44
N ASN A 399 13.23 -26.28 -19.15
CA ASN A 399 13.32 -27.67 -19.58
C ASN A 399 13.89 -28.58 -18.51
N GLY A 400 14.16 -28.06 -17.31
CA GLY A 400 14.70 -28.89 -16.26
C GLY A 400 16.19 -29.12 -16.32
N ILE A 401 16.93 -28.27 -17.01
CA ILE A 401 18.38 -28.38 -17.14
C ILE A 401 19.04 -27.46 -16.12
N PRO A 402 19.82 -27.98 -15.18
CA PRO A 402 20.45 -27.14 -14.16
C PRO A 402 21.59 -26.35 -14.77
N LEU A 403 21.52 -25.02 -14.66
CA LEU A 403 22.55 -24.18 -15.23
C LEU A 403 23.92 -24.58 -14.70
N ALA A 404 23.99 -25.04 -13.45
CA ALA A 404 25.28 -25.45 -12.89
C ALA A 404 25.98 -26.44 -13.80
N GLY A 405 25.24 -27.43 -14.32
CA GLY A 405 25.86 -28.42 -15.17
C GLY A 405 26.32 -27.89 -16.52
N GLU A 406 25.69 -26.83 -17.02
CA GLU A 406 26.22 -26.21 -18.23
C GLU A 406 27.55 -25.50 -17.97
N PHE A 407 27.75 -24.97 -16.75
CA PHE A 407 29.08 -24.48 -16.37
C PHE A 407 30.10 -25.62 -16.30
N ILE A 408 29.70 -26.77 -15.75
CA ILE A 408 30.63 -27.89 -15.61
C ILE A 408 31.07 -28.42 -16.98
N GLN A 409 30.12 -28.62 -17.90
CA GLN A 409 30.49 -29.13 -19.22
C GLN A 409 31.40 -28.16 -19.95
N LYS A 410 30.99 -26.88 -20.03
CA LYS A 410 31.83 -25.91 -20.70
C LYS A 410 33.23 -25.85 -20.13
N SER A 411 33.41 -26.25 -18.87
CA SER A 411 34.60 -25.90 -18.13
C SER A 411 35.80 -26.78 -18.44
N GLY A 412 35.61 -27.93 -19.07
CA GLY A 412 36.74 -28.80 -19.17
C GLY A 412 37.18 -29.42 -17.85
N LEU A 413 36.39 -29.26 -16.79
CA LEU A 413 36.68 -29.94 -15.53
C LEU A 413 35.60 -30.97 -15.24
N ALA A 414 35.98 -32.05 -14.57
CA ALA A 414 35.02 -32.94 -13.97
C ALA A 414 34.23 -32.23 -12.88
N ALA A 415 33.01 -32.71 -12.61
CA ALA A 415 32.16 -32.11 -11.59
C ALA A 415 32.90 -32.00 -10.24
N GLN A 416 33.42 -33.13 -9.74
CA GLN A 416 34.17 -33.11 -8.48
C GLN A 416 35.22 -31.99 -8.47
N GLU A 417 36.00 -31.88 -9.54
CA GLU A 417 37.05 -30.87 -9.58
C GLU A 417 36.45 -29.48 -9.59
N TRP A 418 35.50 -29.25 -10.51
CA TRP A 418 34.75 -28.01 -10.52
C TRP A 418 34.33 -27.64 -9.10
N LEU A 419 33.67 -28.55 -8.38
CA LEU A 419 33.24 -28.27 -7.00
C LEU A 419 34.44 -27.88 -6.12
N ALA A 420 35.56 -28.58 -6.25
CA ALA A 420 36.70 -28.29 -5.38
C ALA A 420 37.22 -26.88 -5.62
N ARG A 421 37.29 -26.46 -6.89
CA ARG A 421 37.75 -25.11 -7.20
C ARG A 421 36.72 -24.07 -6.76
N TYR A 422 35.43 -24.41 -6.87
CA TYR A 422 34.40 -23.51 -6.35
C TYR A 422 34.60 -23.28 -4.87
N LEU A 423 34.83 -24.35 -4.11
CA LEU A 423 34.94 -24.22 -2.66
C LEU A 423 36.15 -23.37 -2.27
N ARG A 424 37.31 -23.62 -2.89
CA ARG A 424 38.46 -22.72 -2.71
C ARG A 424 38.10 -21.29 -3.02
N ALA A 425 37.27 -21.06 -4.04
CA ALA A 425 37.04 -19.66 -4.44
C ALA A 425 36.09 -18.96 -3.48
N TYR A 426 35.22 -19.70 -2.79
CA TYR A 426 34.14 -19.12 -2.00
C TYR A 426 34.16 -19.56 -0.55
N LEU A 427 34.20 -20.86 -0.26
CA LEU A 427 34.18 -21.30 1.13
C LEU A 427 35.47 -20.91 1.85
N HIS A 428 36.60 -21.00 1.15
CA HIS A 428 37.87 -20.74 1.83
C HIS A 428 37.98 -19.29 2.32
N PRO A 429 37.74 -18.26 1.50
CA PRO A 429 37.82 -16.91 2.07
C PRO A 429 36.80 -16.68 3.18
N ILE A 430 35.61 -17.28 3.09
CA ILE A 430 34.61 -17.09 4.14
C ILE A 430 35.13 -17.61 5.46
N ILE A 431 35.64 -18.84 5.46
CA ILE A 431 36.26 -19.40 6.66
C ILE A 431 37.33 -18.43 7.17
N TYR A 432 38.33 -18.16 6.33
CA TYR A 432 39.46 -17.35 6.74
C TYR A 432 38.99 -16.07 7.43
N LEU A 433 38.01 -15.40 6.82
CA LEU A 433 37.50 -14.16 7.41
C LEU A 433 36.90 -14.40 8.78
N LEU A 434 36.33 -15.57 9.01
CA LEU A 434 35.74 -15.81 10.32
C LEU A 434 36.79 -16.22 11.35
N TYR A 435 37.81 -16.98 10.92
CA TYR A 435 38.80 -17.48 11.85
C TYR A 435 39.99 -16.55 11.98
N ARG A 436 40.46 -15.94 10.88
CA ARG A 436 41.54 -14.99 11.03
C ARG A 436 41.05 -13.67 11.61
N TYR A 437 39.93 -13.15 11.12
CA TYR A 437 39.50 -11.81 11.47
C TYR A 437 38.23 -11.77 12.33
N GLU A 438 37.55 -12.89 12.54
CA GLU A 438 36.30 -12.92 13.28
C GLU A 438 35.25 -11.96 12.67
N PHE A 439 35.05 -12.08 11.35
CA PHE A 439 33.99 -11.40 10.61
C PHE A 439 33.01 -12.44 10.09
N LYS A 440 31.73 -12.18 10.30
CA LYS A 440 30.66 -12.96 9.69
C LYS A 440 29.87 -12.04 8.77
N PHE A 441 29.53 -12.51 7.57
CA PHE A 441 28.72 -11.68 6.68
C PHE A 441 27.39 -12.36 6.36
N SER A 442 26.93 -12.28 5.11
CA SER A 442 25.77 -13.05 4.63
C SER A 442 26.14 -13.70 3.31
N PRO A 443 26.88 -14.79 3.35
CA PRO A 443 27.48 -15.40 2.15
C PRO A 443 26.51 -16.24 1.32
N HIS A 444 25.36 -15.65 0.97
CA HIS A 444 24.34 -16.38 0.24
C HIS A 444 24.33 -15.96 -1.22
N GLY A 445 23.53 -16.69 -2.01
CA GLY A 445 23.65 -16.60 -3.44
C GLY A 445 23.64 -15.18 -3.99
N GLU A 446 22.87 -14.29 -3.37
CA GLU A 446 22.78 -12.94 -3.90
C GLU A 446 24.05 -12.12 -3.63
N ASN A 447 24.72 -12.37 -2.51
CA ASN A 447 25.83 -11.53 -2.09
C ASN A 447 27.21 -12.02 -2.58
N LEU A 448 27.25 -13.11 -3.34
CA LEU A 448 28.48 -13.59 -3.97
C LEU A 448 28.34 -13.48 -5.48
N ILE A 449 29.39 -13.00 -6.13
CA ILE A 449 29.48 -13.01 -7.59
C ILE A 449 30.68 -13.88 -7.94
N LEU A 450 30.44 -14.92 -8.73
CA LEU A 450 31.52 -15.78 -9.18
C LEU A 450 32.19 -15.19 -10.40
N VAL A 451 33.50 -15.32 -10.46
CA VAL A 451 34.27 -15.02 -11.67
C VAL A 451 34.61 -16.34 -12.31
N LEU A 452 34.13 -16.55 -13.52
CA LEU A 452 34.35 -17.78 -14.25
C LEU A 452 35.32 -17.51 -15.41
N ASP A 453 36.07 -18.55 -15.78
CA ASP A 453 36.86 -18.53 -17.00
C ASP A 453 36.40 -19.71 -17.85
N GLY A 454 35.74 -19.42 -18.95
CA GLY A 454 35.24 -20.47 -19.82
C GLY A 454 34.45 -21.51 -19.05
N GLY A 455 33.80 -21.07 -17.99
CA GLY A 455 33.00 -21.93 -17.15
C GLY A 455 33.70 -22.47 -15.92
N ALA A 456 35.03 -22.42 -15.87
CA ALA A 456 35.71 -22.93 -14.69
C ALA A 456 35.71 -21.89 -13.57
N PRO A 457 35.57 -22.30 -12.31
CA PRO A 457 35.63 -21.33 -11.20
C PRO A 457 37.03 -20.73 -11.12
N VAL A 458 37.08 -19.44 -10.76
CA VAL A 458 38.34 -18.71 -10.66
C VAL A 458 38.45 -18.05 -9.28
N ARG A 459 37.48 -17.22 -8.93
CA ARG A 459 37.48 -16.50 -7.65
C ARG A 459 36.10 -15.91 -7.41
N ALA A 460 35.95 -15.13 -6.35
CA ALA A 460 34.63 -14.70 -5.91
C ALA A 460 34.72 -13.31 -5.32
N VAL A 461 33.62 -12.58 -5.40
CA VAL A 461 33.48 -11.23 -4.89
C VAL A 461 32.33 -11.22 -3.90
N LEU A 462 32.55 -10.65 -2.70
CA LEU A 462 31.52 -10.49 -1.67
C LEU A 462 30.96 -9.08 -1.71
N LYS A 463 29.62 -8.93 -1.54
CA LYS A 463 29.12 -7.59 -1.83
C LYS A 463 28.39 -6.89 -0.68
N ASP A 464 27.60 -7.56 0.16
CA ASP A 464 26.74 -6.81 1.10
C ASP A 464 27.44 -6.69 2.46
N ILE A 465 27.98 -5.50 2.77
CA ILE A 465 29.05 -5.43 3.78
C ILE A 465 28.69 -4.65 5.05
N GLY A 466 28.33 -3.38 4.92
CA GLY A 466 28.10 -2.56 6.10
C GLY A 466 26.87 -2.96 6.91
N GLU A 467 25.79 -3.35 6.24
CA GLU A 467 24.55 -3.65 6.95
C GLU A 467 24.52 -5.08 7.50
N GLU A 468 25.39 -5.97 7.03
CA GLU A 468 25.28 -7.38 7.38
C GLU A 468 26.43 -7.91 8.25
N ILE A 469 27.50 -7.12 8.50
CA ILE A 469 28.72 -7.65 9.10
C ILE A 469 28.55 -7.78 10.61
N CYS A 470 29.07 -8.87 11.16
CA CYS A 470 29.18 -9.10 12.59
C CYS A 470 30.66 -9.14 12.94
N ILE A 471 31.10 -8.27 13.83
CA ILE A 471 32.48 -8.29 14.33
C ILE A 471 32.47 -8.92 15.72
N PHE A 472 33.17 -10.04 15.86
CA PHE A 472 33.24 -10.75 17.12
C PHE A 472 34.39 -10.31 18.02
N ASP A 473 35.40 -9.61 17.50
CA ASP A 473 36.47 -9.22 18.43
C ASP A 473 37.14 -7.94 17.93
N ALA A 474 36.47 -6.80 18.20
CA ALA A 474 37.01 -5.52 17.77
C ALA A 474 38.11 -5.06 18.70
N PRO A 475 39.14 -4.38 18.17
CA PRO A 475 40.18 -3.81 19.04
C PRO A 475 39.62 -2.72 19.95
N ASP A 476 40.49 -2.07 20.72
CA ASP A 476 40.03 -1.01 21.62
C ASP A 476 39.67 0.27 20.86
N ASP A 477 40.19 0.46 19.65
CA ASP A 477 39.87 1.64 18.85
C ASP A 477 38.91 1.33 17.71
N ILE A 478 38.07 0.30 17.85
CA ILE A 478 36.94 0.13 16.95
C ILE A 478 36.27 1.50 16.91
N PRO A 479 36.13 2.12 15.74
CA PRO A 479 35.37 3.38 15.70
C PRO A 479 33.97 3.12 16.23
N GLU A 480 33.43 4.10 16.97
CA GLU A 480 32.09 3.96 17.53
C GLU A 480 31.06 3.74 16.43
N SER A 481 31.34 4.26 15.23
CA SER A 481 30.47 4.02 14.07
C SER A 481 30.21 2.55 13.84
N CYS A 482 31.12 1.67 14.28
CA CYS A 482 30.93 0.25 14.09
C CYS A 482 30.43 -0.44 15.33
N ARG A 483 30.00 0.32 16.34
CA ARG A 483 29.43 -0.30 17.54
C ARG A 483 28.15 -1.05 17.19
N ARG A 484 27.42 -0.61 16.16
CA ARG A 484 26.27 -1.35 15.69
C ARG A 484 26.64 -2.80 15.35
N ALA A 485 27.85 -2.99 14.81
CA ALA A 485 28.30 -4.26 14.24
C ALA A 485 28.92 -5.21 15.25
N VAL A 486 29.33 -4.70 16.43
CA VAL A 486 29.93 -5.56 17.43
C VAL A 486 28.86 -6.46 18.03
N THR A 487 29.22 -7.71 18.34
CA THR A 487 28.20 -8.68 18.73
C THR A 487 28.86 -9.89 19.38
N GLU A 488 28.73 -10.03 20.70
CA GLU A 488 29.28 -11.18 21.39
C GLU A 488 28.55 -12.46 20.97
N GLU A 489 29.21 -13.60 21.18
CA GLU A 489 28.63 -14.90 20.83
C GLU A 489 29.39 -16.01 21.54
N ALA A 490 28.67 -17.07 21.91
CA ALA A 490 29.29 -18.21 22.58
C ALA A 490 30.19 -18.97 21.63
N ASP A 491 31.33 -19.43 22.14
CA ASP A 491 32.23 -20.28 21.37
C ASP A 491 31.51 -21.55 20.90
N GLU A 492 30.55 -22.03 21.69
CA GLU A 492 29.81 -23.25 21.34
C GLU A 492 29.08 -23.11 20.00
N ILE A 493 28.69 -21.88 19.61
CA ILE A 493 27.93 -21.66 18.38
C ILE A 493 28.64 -20.74 17.40
N ARG A 494 29.94 -20.48 17.59
CA ARG A 494 30.68 -19.67 16.61
C ARG A 494 30.80 -20.40 15.28
N ASN A 495 30.89 -21.73 15.30
CA ASN A 495 31.06 -22.46 14.04
C ASN A 495 29.79 -22.43 13.17
N LEU A 496 28.67 -21.95 13.68
CA LEU A 496 27.48 -21.75 12.85
C LEU A 496 27.70 -20.77 11.72
N GLY A 497 28.78 -19.99 11.73
CA GLY A 497 28.99 -19.04 10.67
C GLY A 497 29.23 -19.73 9.35
N VAL A 498 29.76 -20.94 9.40
CA VAL A 498 29.92 -21.77 8.23
C VAL A 498 28.86 -22.86 8.17
N LEU A 499 28.60 -23.52 9.31
CA LEU A 499 27.77 -24.72 9.32
C LEU A 499 26.31 -24.43 9.02
N SER A 500 25.76 -23.33 9.55
CA SER A 500 24.40 -22.97 9.17
C SER A 500 24.36 -21.97 8.03
N ASP A 501 25.19 -20.92 8.08
CA ASP A 501 25.14 -19.88 7.05
C ASP A 501 25.54 -20.42 5.69
N VAL A 502 26.50 -21.35 5.62
CA VAL A 502 27.00 -21.86 4.34
C VAL A 502 26.53 -23.30 4.09
N PHE A 503 26.87 -24.23 4.99
CA PHE A 503 26.50 -25.63 4.74
C PHE A 503 24.99 -25.78 4.64
N ASP A 504 24.26 -25.49 5.72
CA ASP A 504 22.84 -25.82 5.70
C ASP A 504 22.01 -24.85 4.86
N ASP A 505 22.45 -23.59 4.72
CA ASP A 505 21.66 -22.60 3.98
C ASP A 505 21.99 -22.52 2.50
N PHE A 506 23.16 -22.99 2.04
CA PHE A 506 23.43 -22.93 0.61
C PHE A 506 23.97 -24.24 0.03
N LEU A 507 25.07 -24.77 0.57
CA LEU A 507 25.64 -25.99 -0.04
C LEU A 507 24.64 -27.15 -0.03
N ARG A 508 23.80 -27.26 1.01
CA ARG A 508 22.75 -28.28 1.02
C ARG A 508 21.91 -28.20 -0.26
N HIS A 509 21.59 -27.00 -0.71
CA HIS A 509 20.75 -26.88 -1.90
C HIS A 509 21.51 -27.22 -3.16
N PHE A 510 22.80 -26.90 -3.21
CA PHE A 510 23.62 -27.28 -4.34
C PHE A 510 23.80 -28.79 -4.42
N ALA A 511 23.91 -29.46 -3.25
CA ALA A 511 24.19 -30.89 -3.23
C ALA A 511 23.00 -31.68 -3.73
N LEU A 512 21.78 -31.30 -3.34
CA LEU A 512 20.58 -31.96 -3.85
C LEU A 512 20.50 -31.79 -5.36
N LEU A 513 20.70 -30.57 -5.83
CA LEU A 513 20.66 -30.31 -7.26
C LEU A 513 21.71 -31.12 -8.01
N LEU A 514 22.93 -31.26 -7.44
CA LEU A 514 23.93 -32.04 -8.15
C LEU A 514 23.65 -33.53 -8.06
N HIS A 515 22.99 -33.97 -7.00
CA HIS A 515 22.75 -35.39 -6.83
C HIS A 515 21.53 -35.85 -7.62
N GLU A 516 20.45 -35.06 -7.58
CA GLU A 516 19.26 -35.38 -8.35
C GLU A 516 19.58 -35.46 -9.83
N SER A 517 20.51 -34.65 -10.31
CA SER A 517 20.85 -34.63 -11.73
C SER A 517 21.93 -35.63 -12.10
N GLY A 518 22.41 -36.42 -11.15
CA GLY A 518 23.45 -37.37 -11.51
C GLY A 518 24.83 -36.80 -11.73
N LEU A 519 25.02 -35.50 -11.51
CA LEU A 519 26.34 -34.88 -11.69
C LEU A 519 27.29 -35.18 -10.54
N LEU A 520 26.78 -35.38 -9.31
CA LEU A 520 27.62 -35.76 -8.19
C LEU A 520 26.76 -36.27 -7.05
N THR A 521 27.02 -37.49 -6.58
CA THR A 521 26.19 -38.06 -5.53
C THR A 521 26.44 -37.33 -4.22
N ASP A 522 25.39 -37.25 -3.38
CA ASP A 522 25.49 -36.54 -2.11
C ASP A 522 26.75 -36.91 -1.33
N GLY A 523 27.19 -38.17 -1.42
CA GLY A 523 28.40 -38.58 -0.75
C GLY A 523 29.67 -38.00 -1.33
N GLU A 524 29.84 -38.05 -2.66
CA GLU A 524 31.04 -37.41 -3.24
C GLU A 524 31.06 -35.92 -2.95
N PHE A 525 29.88 -35.29 -2.87
CA PHE A 525 29.80 -33.86 -2.56
C PHE A 525 30.46 -33.54 -1.21
N TRP A 526 30.09 -34.27 -0.17
CA TRP A 526 30.52 -33.87 1.14
C TRP A 526 31.92 -34.36 1.42
N ALA A 527 32.29 -35.52 0.85
CA ALA A 527 33.68 -35.92 0.90
C ALA A 527 34.59 -34.83 0.34
N THR A 528 34.15 -34.17 -0.75
CA THR A 528 34.91 -33.06 -1.30
C THR A 528 34.99 -31.90 -0.32
N VAL A 529 33.84 -31.48 0.22
CA VAL A 529 33.80 -30.41 1.21
C VAL A 529 34.73 -30.73 2.37
N ALA A 530 34.65 -31.96 2.88
CA ALA A 530 35.51 -32.36 3.99
C ALA A 530 36.99 -32.20 3.62
N HIS A 531 37.41 -32.76 2.48
N HIS A 531 37.39 -32.74 2.47
CA HIS A 531 38.77 -32.53 2.03
CA HIS A 531 38.76 -32.55 2.02
C HIS A 531 39.04 -31.04 1.89
C HIS A 531 39.07 -31.08 1.76
N SER A 532 38.06 -30.29 1.40
CA SER A 532 38.25 -28.86 1.18
C SER A 532 38.59 -28.16 2.49
N VAL A 533 37.83 -28.44 3.55
CA VAL A 533 38.08 -27.76 4.82
C VAL A 533 39.43 -28.19 5.37
N ALA A 534 39.76 -29.47 5.21
CA ALA A 534 41.04 -29.97 5.71
C ALA A 534 42.19 -29.32 4.98
N GLU A 535 42.06 -29.12 3.68
CA GLU A 535 43.15 -28.51 2.95
C GLU A 535 43.35 -27.06 3.38
N PHE A 536 42.26 -26.33 3.63
CA PHE A 536 42.37 -24.98 4.19
C PHE A 536 43.02 -25.00 5.55
N GLN A 537 42.54 -25.87 6.45
CA GLN A 537 43.13 -25.94 7.79
C GLN A 537 44.62 -26.23 7.71
N ALA A 538 45.03 -27.10 6.78
CA ALA A 538 46.43 -27.42 6.54
C ALA A 538 47.19 -26.25 5.90
N ARG A 539 46.50 -25.30 5.28
CA ARG A 539 47.18 -24.14 4.73
C ARG A 539 47.38 -23.05 5.76
N HIS A 540 46.85 -23.23 6.97
CA HIS A 540 46.78 -22.17 7.98
C HIS A 540 47.06 -22.73 9.37
N PRO A 541 48.24 -23.33 9.57
CA PRO A 541 48.50 -23.94 10.88
C PRO A 541 48.51 -22.92 12.01
N ASP A 542 48.85 -21.67 11.72
CA ASP A 542 48.85 -20.67 12.79
C ASP A 542 47.46 -20.41 13.37
N LEU A 543 46.38 -20.85 12.71
CA LEU A 543 45.04 -20.74 13.28
C LEU A 543 44.53 -22.03 13.92
N ALA A 544 45.40 -23.03 14.10
CA ALA A 544 44.99 -24.31 14.67
C ALA A 544 44.29 -24.15 16.01
N ASP A 545 44.71 -23.17 16.82
CA ASP A 545 44.07 -22.98 18.12
C ASP A 545 42.62 -22.63 17.95
N ARG A 546 42.33 -21.71 17.03
CA ARG A 546 40.96 -21.33 16.74
C ARG A 546 40.18 -22.49 16.14
N PHE A 547 40.82 -23.26 15.25
CA PHE A 547 40.15 -24.44 14.67
C PHE A 547 39.70 -25.38 15.76
N ASP A 548 40.45 -25.46 16.87
CA ASP A 548 39.99 -26.27 17.99
C ASP A 548 38.92 -25.55 18.80
N GLN A 549 39.08 -24.25 18.98
CA GLN A 549 38.05 -23.47 19.66
C GLN A 549 36.70 -23.70 19.00
N TRP A 550 36.60 -23.41 17.71
CA TRP A 550 35.34 -23.30 16.98
C TRP A 550 35.27 -24.45 15.98
N ASP A 551 34.75 -25.59 16.42
CA ASP A 551 35.04 -26.87 15.78
C ASP A 551 34.25 -27.01 14.49
N LEU A 552 34.93 -26.85 13.37
CA LEU A 552 34.27 -27.02 12.08
C LEU A 552 33.92 -28.48 11.82
N PHE A 553 34.57 -29.43 12.49
CA PHE A 553 34.26 -30.86 12.39
C PHE A 553 33.46 -31.36 13.58
N ALA A 554 32.71 -30.47 14.23
CA ALA A 554 31.76 -30.85 15.26
C ALA A 554 30.82 -31.91 14.70
N PRO A 555 30.26 -32.80 15.53
CA PRO A 555 29.40 -33.87 14.99
C PRO A 555 27.99 -33.41 14.71
N THR A 556 27.45 -32.52 15.55
CA THR A 556 26.15 -31.90 15.28
C THR A 556 26.23 -30.40 15.52
N PHE A 557 25.31 -29.69 14.91
CA PHE A 557 25.05 -28.29 15.23
C PHE A 557 23.55 -28.11 15.18
N PRO A 558 23.03 -27.03 15.76
CA PRO A 558 21.57 -26.84 15.78
C PRO A 558 21.04 -26.23 14.50
N ALA A 559 19.83 -26.66 14.15
CA ALA A 559 19.15 -26.11 12.98
C ALA A 559 18.64 -24.71 13.27
N ILE A 560 18.53 -23.90 12.22
CA ILE A 560 17.79 -22.63 12.31
C ILE A 560 16.75 -22.67 11.20
N HIS A 561 15.50 -22.96 11.56
CA HIS A 561 14.41 -23.13 10.60
C HIS A 561 14.00 -21.78 10.02
N MET A 562 14.49 -21.52 8.80
CA MET A 562 14.21 -20.25 8.12
C MET A 562 12.72 -19.97 8.06
N ASN A 563 11.93 -20.92 7.52
CA ASN A 563 10.51 -20.71 7.23
C ASN A 563 9.67 -20.57 8.49
N ARG A 564 10.08 -21.17 9.59
CA ARG A 564 9.39 -20.93 10.86
C ARG A 564 9.47 -19.46 11.27
N LEU A 565 10.68 -18.87 11.27
CA LEU A 565 10.80 -17.45 11.61
C LEU A 565 9.83 -16.60 10.80
N GLN A 566 9.83 -16.77 9.47
CA GLN A 566 8.90 -16.03 8.63
C GLN A 566 7.45 -16.34 9.01
N LEU A 567 7.12 -17.60 9.30
CA LEU A 567 5.76 -17.97 9.70
C LEU A 567 5.50 -17.62 11.16
N SER A 568 5.84 -16.40 11.57
CA SER A 568 5.65 -15.97 12.95
C SER A 568 5.41 -14.45 13.06
N MET A 573 11.35 -11.69 11.56
CA MET A 573 12.42 -12.69 11.36
C MET A 573 13.71 -12.37 12.15
N VAL A 574 14.85 -12.54 11.47
CA VAL A 574 16.20 -12.31 12.01
C VAL A 574 16.28 -11.03 12.83
N SER A 579 20.69 -12.34 16.74
CA SER A 579 21.78 -13.22 17.19
C SER A 579 21.40 -14.70 17.05
N TYR A 580 22.38 -15.55 16.73
CA TYR A 580 22.08 -16.97 16.51
C TYR A 580 21.67 -17.65 17.81
N SER A 581 22.11 -17.11 18.95
CA SER A 581 21.73 -17.64 20.27
C SER A 581 20.22 -17.76 20.42
N THR A 582 19.46 -16.79 19.91
CA THR A 582 18.00 -16.78 20.02
C THR A 582 17.28 -17.30 18.79
N LEU A 583 17.99 -17.72 17.76
CA LEU A 583 17.31 -18.36 16.64
C LEU A 583 17.47 -19.87 16.65
N VAL A 584 18.57 -20.40 17.19
CA VAL A 584 18.82 -21.83 17.11
C VAL A 584 17.71 -22.61 17.79
N ASP A 585 17.39 -23.77 17.22
CA ASP A 585 16.38 -24.68 17.77
C ASP A 585 16.99 -25.54 18.87
N ASN A 586 16.23 -25.77 19.94
CA ASN A 586 16.78 -26.48 21.10
C ASN A 586 16.93 -27.97 20.82
N GLU A 587 15.88 -28.60 20.33
CA GLU A 587 15.88 -30.05 20.17
C GLU A 587 15.77 -30.46 18.70
N HIS A 588 16.44 -29.73 17.80
CA HIS A 588 16.73 -30.22 16.45
C HIS A 588 18.22 -30.03 16.16
N ALA A 589 18.97 -31.12 16.19
CA ALA A 589 20.37 -31.11 15.82
C ALA A 589 20.53 -31.64 14.40
N LEU A 590 21.46 -31.05 13.67
CA LEU A 590 21.76 -31.49 12.33
C LEU A 590 23.12 -32.17 12.36
N VAL A 591 23.20 -33.30 11.68
CA VAL A 591 24.41 -34.11 11.66
C VAL A 591 25.35 -33.52 10.62
N ASN A 592 26.50 -33.02 11.08
CA ASN A 592 27.52 -32.35 10.28
C ASN A 592 28.05 -33.36 9.28
N PRO A 593 27.73 -33.17 7.99
CA PRO A 593 28.17 -34.14 6.97
C PRO A 593 29.67 -34.38 6.97
N ILE A 594 30.50 -33.36 7.22
CA ILE A 594 31.94 -33.55 7.11
C ILE A 594 32.56 -34.10 8.38
N ALA A 595 31.78 -34.21 9.47
CA ALA A 595 32.34 -34.72 10.72
C ALA A 595 32.83 -36.15 10.55
N GLY A 596 32.17 -36.93 9.71
CA GLY A 596 32.58 -38.32 9.50
C GLY A 596 34.01 -38.50 9.05
N HIS A 597 34.70 -37.43 8.65
CA HIS A 597 36.06 -37.53 8.14
C HIS A 597 37.04 -36.79 9.05
N ARG A 598 36.59 -36.35 10.23
CA ARG A 598 37.34 -35.47 11.14
C ARG A 598 38.84 -35.75 11.18
N ALA B 17 2.61 27.89 -10.51
CA ALA B 17 2.78 27.23 -9.21
C ALA B 17 1.60 27.54 -8.27
N CYS B 18 1.78 27.27 -6.98
CA CYS B 18 0.72 27.35 -5.98
C CYS B 18 0.94 28.56 -5.08
N SER B 19 0.16 29.63 -5.31
CA SER B 19 0.37 30.92 -4.68
C SER B 19 -0.48 31.20 -3.43
N TYR B 20 -1.41 30.32 -3.05
CA TYR B 20 -2.28 30.64 -1.91
C TYR B 20 -2.06 29.71 -0.73
N ARG B 21 -0.87 29.12 -0.63
CA ARG B 21 -0.64 28.06 0.35
C ARG B 21 -1.00 28.52 1.75
N GLN B 22 -0.56 29.71 2.14
CA GLN B 22 -0.77 30.15 3.51
C GLN B 22 -2.23 30.49 3.78
N VAL B 23 -2.93 31.01 2.76
CA VAL B 23 -4.38 31.17 2.86
C VAL B 23 -5.02 29.87 3.32
N TYR B 24 -4.92 28.83 2.50
CA TYR B 24 -5.50 27.54 2.83
C TYR B 24 -4.89 26.96 4.09
N ASN B 25 -3.62 27.25 4.37
CA ASN B 25 -3.01 26.73 5.60
C ASN B 25 -3.71 27.29 6.83
N THR B 26 -4.01 28.59 6.82
CA THR B 26 -4.76 29.19 7.94
C THR B 26 -6.18 28.63 8.00
N ARG B 27 -6.90 28.66 6.87
CA ARG B 27 -8.20 27.98 6.77
C ARG B 27 -8.13 26.62 7.42
N LEU B 28 -7.19 25.81 6.95
CA LEU B 28 -7.03 24.47 7.49
C LEU B 28 -6.93 24.49 9.01
N ALA B 29 -6.23 25.49 9.56
CA ALA B 29 -6.01 25.52 11.00
C ALA B 29 -7.22 26.05 11.75
N ARG B 30 -7.91 27.02 11.15
CA ARG B 30 -9.19 27.49 11.71
C ARG B 30 -10.17 26.34 11.87
N LYS B 31 -10.35 25.53 10.81
CA LYS B 31 -11.22 24.37 10.91
C LYS B 31 -10.73 23.40 12.00
N ILE B 32 -9.41 23.27 12.16
CA ILE B 32 -8.91 22.38 13.21
C ILE B 32 -9.40 22.84 14.57
N LEU B 33 -9.35 24.15 14.82
CA LEU B 33 -9.72 24.67 16.13
C LEU B 33 -11.22 24.69 16.33
N ALA B 34 -11.98 25.10 15.31
CA ALA B 34 -13.43 25.17 15.42
C ALA B 34 -14.01 23.79 15.70
N GLU B 35 -13.56 22.79 14.95
CA GLU B 35 -14.16 21.48 15.10
C GLU B 35 -13.69 20.79 16.38
N PHE B 36 -12.44 21.00 16.81
CA PHE B 36 -12.03 20.38 18.06
C PHE B 36 -12.59 21.13 19.27
N CYS B 37 -12.87 22.43 19.13
CA CYS B 37 -13.60 23.13 20.18
C CYS B 37 -15.03 22.65 20.25
N HIS B 38 -15.67 22.49 19.09
CA HIS B 38 -17.03 21.97 19.04
C HIS B 38 -17.14 20.59 19.68
N GLU B 39 -16.13 19.76 19.56
CA GLU B 39 -16.20 18.43 20.16
C GLU B 39 -15.56 18.38 21.52
N ARG B 40 -15.22 19.55 22.10
CA ARG B 40 -14.61 19.64 23.42
C ARG B 40 -13.30 18.85 23.52
N LEU B 41 -12.66 18.61 22.37
CA LEU B 41 -11.29 18.10 22.34
C LEU B 41 -10.33 19.20 22.74
N VAL B 42 -10.78 20.45 22.67
CA VAL B 42 -9.98 21.65 22.84
C VAL B 42 -10.87 22.67 23.51
N ARG B 43 -10.59 22.97 24.78
CA ARG B 43 -11.42 23.89 25.55
C ARG B 43 -10.68 25.19 25.80
N PRO B 44 -10.88 26.22 24.96
CA PRO B 44 -10.03 27.42 25.03
C PRO B 44 -10.40 28.36 26.18
N THR B 45 -9.36 28.84 26.85
CA THR B 45 -9.50 29.86 27.90
C THR B 45 -9.74 31.23 27.30
N GLU B 46 -10.67 31.97 27.90
CA GLU B 46 -11.15 33.23 27.36
C GLU B 46 -10.75 34.38 28.27
N LEU B 47 -10.09 35.37 27.69
CA LEU B 47 -9.47 36.46 28.43
C LEU B 47 -10.43 37.65 28.44
N SER B 48 -10.22 38.60 27.54
CA SER B 48 -11.26 39.56 27.23
C SER B 48 -12.46 38.81 26.66
N PRO B 49 -13.69 39.27 26.94
CA PRO B 49 -14.85 38.59 26.37
C PRO B 49 -14.73 38.52 24.85
N GLY B 50 -14.96 37.32 24.31
CA GLY B 50 -14.84 37.14 22.88
C GLY B 50 -13.42 37.09 22.36
N ARG B 51 -12.42 37.02 23.23
CA ARG B 51 -11.04 36.87 22.83
C ARG B 51 -10.44 35.76 23.67
N TYR B 52 -9.88 34.75 23.01
CA TYR B 52 -9.50 33.50 23.66
C TYR B 52 -8.04 33.19 23.36
N VAL B 53 -7.50 32.22 24.12
CA VAL B 53 -6.18 31.68 23.83
C VAL B 53 -6.25 30.17 23.96
N VAL B 54 -5.42 29.48 23.20
CA VAL B 54 -5.23 28.03 23.35
C VAL B 54 -3.75 27.79 23.56
N HIS B 55 -3.42 26.89 24.49
CA HIS B 55 -2.05 26.60 24.88
C HIS B 55 -1.61 25.29 24.28
N SER B 56 -0.46 25.29 23.61
CA SER B 56 0.13 24.05 23.18
C SER B 56 0.40 23.15 24.37
N ASP B 57 0.57 21.87 24.10
CA ASP B 57 0.85 20.91 25.16
C ASP B 57 2.02 21.36 26.02
N ASP B 58 3.22 21.40 25.43
CA ASP B 58 4.40 21.77 26.19
C ASP B 58 4.40 23.23 26.68
N ARG B 59 3.30 23.95 26.53
CA ARG B 59 3.09 25.31 27.02
C ARG B 59 4.10 26.30 26.45
N GLU B 60 4.89 25.90 25.46
CA GLU B 60 5.81 26.80 24.77
C GLU B 60 5.16 27.53 23.60
N THR B 61 3.99 27.12 23.14
CA THR B 61 3.31 27.83 22.07
C THR B 61 1.95 28.31 22.56
N GLU B 62 1.49 29.41 21.97
CA GLU B 62 0.26 30.06 22.40
C GLU B 62 -0.54 30.43 21.15
N TYR B 63 -1.75 29.88 21.04
CA TYR B 63 -2.64 30.19 19.93
C TYR B 63 -3.69 31.15 20.46
N ARG B 64 -3.72 32.36 19.92
CA ARG B 64 -4.56 33.41 20.44
C ARG B 64 -5.41 33.93 19.31
N PHE B 65 -6.73 33.97 19.54
CA PHE B 65 -7.69 34.35 18.52
C PHE B 65 -8.93 34.91 19.19
N ARG B 66 -9.75 35.59 18.40
CA ARG B 66 -11.06 36.03 18.85
C ARG B 66 -12.13 35.23 18.12
N ALA B 67 -13.03 34.62 18.89
CA ALA B 67 -14.09 33.79 18.35
C ALA B 67 -15.45 34.40 18.65
N GLU B 68 -16.47 33.84 18.02
CA GLU B 68 -17.87 34.18 18.27
C GLU B 68 -18.66 32.88 18.33
N ILE B 69 -19.30 32.58 19.46
CA ILE B 69 -19.96 31.28 19.63
C ILE B 69 -21.40 31.37 19.15
N LEU B 70 -21.75 30.51 18.20
CA LEU B 70 -23.06 30.52 17.54
C LEU B 70 -23.87 29.30 17.97
N SER B 71 -25.06 29.21 17.38
CA SER B 71 -25.98 28.12 17.70
C SER B 71 -25.32 26.78 17.39
N LEU B 72 -25.54 25.84 18.30
CA LEU B 72 -25.00 24.49 18.20
C LEU B 72 -23.51 24.47 18.49
N ASP B 73 -23.08 25.18 19.52
CA ASP B 73 -21.67 25.19 19.96
C ASP B 73 -20.74 25.49 18.79
N SER B 74 -21.09 26.50 18.00
CA SER B 74 -20.43 26.74 16.73
C SER B 74 -19.44 27.90 16.88
N TRP B 75 -18.14 27.58 17.02
CA TRP B 75 -17.09 28.59 17.18
C TRP B 75 -16.76 29.22 15.83
N CYS B 76 -17.17 30.48 15.63
CA CYS B 76 -16.93 31.22 14.40
C CYS B 76 -15.64 32.02 14.55
N ILE B 77 -14.50 31.32 14.42
CA ILE B 77 -13.20 31.93 14.70
C ILE B 77 -12.84 32.96 13.64
N ASP B 78 -12.35 34.11 14.08
CA ASP B 78 -11.94 35.14 13.14
C ASP B 78 -10.65 34.74 12.44
N ALA B 79 -10.68 34.77 11.10
CA ALA B 79 -9.53 34.38 10.28
C ALA B 79 -8.30 35.22 10.61
N ALA B 80 -8.35 36.52 10.30
CA ALA B 80 -7.20 37.40 10.45
C ALA B 80 -6.80 37.65 11.89
N SER B 81 -7.51 37.07 12.86
CA SER B 81 -7.15 37.19 14.27
C SER B 81 -6.19 36.09 14.73
N LEU B 82 -5.88 35.13 13.86
CA LEU B 82 -5.05 34.01 14.28
C LEU B 82 -3.61 34.47 14.46
N ARG B 83 -3.08 34.21 15.65
CA ARG B 83 -1.71 34.56 15.99
C ARG B 83 -1.10 33.41 16.77
N ARG B 84 0.08 32.98 16.33
CA ARG B 84 0.79 31.86 16.93
C ARG B 84 2.11 32.40 17.49
N VAL B 85 2.26 32.37 18.80
CA VAL B 85 3.46 32.87 19.48
C VAL B 85 4.15 31.71 20.18
N ARG B 86 5.36 31.38 19.74
CA ARG B 86 6.14 30.29 20.33
C ARG B 86 7.37 30.88 20.99
N LYS B 87 7.55 30.54 22.28
CA LYS B 87 8.61 31.03 23.17
C LYS B 87 9.04 32.44 22.79
N GLY B 88 8.13 33.40 22.93
CA GLY B 88 8.43 34.77 22.59
C GLY B 88 8.08 35.15 21.16
N GLU B 89 8.65 34.43 20.19
CA GLU B 89 8.53 34.81 18.80
C GLU B 89 7.11 34.55 18.28
N GLU B 90 6.68 35.41 17.36
CA GLU B 90 5.44 35.20 16.64
C GLU B 90 5.77 34.42 15.36
N LEU B 91 4.88 33.47 15.00
CA LEU B 91 5.16 32.43 14.02
C LEU B 91 4.05 32.35 12.97
N ARG B 92 4.42 31.91 11.77
CA ARG B 92 3.49 31.34 10.78
C ARG B 92 2.35 30.59 11.45
N ILE B 93 1.11 30.87 11.08
CA ILE B 93 0.05 29.93 11.38
C ILE B 93 0.23 28.73 10.45
N ASP B 94 0.35 27.54 11.03
CA ASP B 94 0.62 26.35 10.26
C ASP B 94 -0.18 25.17 10.82
N ALA B 95 -0.96 24.53 9.95
CA ALA B 95 -1.95 23.55 10.39
C ALA B 95 -1.32 22.24 10.83
N ILE B 96 -0.31 21.75 10.11
CA ILE B 96 0.41 20.56 10.56
C ILE B 96 1.06 20.82 11.92
N ASP B 97 1.53 22.06 12.15
CA ASP B 97 2.19 22.37 13.41
C ASP B 97 1.20 22.36 14.58
N LEU B 98 0.08 23.06 14.43
CA LEU B 98 -1.01 23.00 15.39
C LEU B 98 -1.34 21.58 15.87
N ILE B 99 -1.49 20.64 14.92
CA ILE B 99 -1.86 19.26 15.28
C ILE B 99 -0.79 18.64 16.18
N VAL B 100 0.49 18.82 15.82
CA VAL B 100 1.58 18.27 16.62
C VAL B 100 1.61 18.91 18.00
N ASP B 101 1.39 20.23 18.05
CA ASP B 101 1.41 20.97 19.31
C ASP B 101 0.44 20.39 20.33
N MET B 102 -0.68 19.82 19.87
CA MET B 102 -1.75 19.41 20.76
C MET B 102 -2.07 17.93 20.65
N SER B 103 -1.16 17.15 20.08
CA SER B 103 -1.39 15.72 19.88
C SER B 103 -1.77 15.01 21.17
N GLY B 104 -1.28 15.50 22.30
CA GLY B 104 -1.67 14.97 23.61
C GLY B 104 -3.10 15.29 23.94
N SER B 105 -3.40 16.58 24.14
CA SER B 105 -4.74 17.05 24.41
C SER B 105 -5.77 16.50 23.43
N LEU B 106 -5.34 16.03 22.27
CA LEU B 106 -6.20 15.37 21.29
C LEU B 106 -6.37 13.87 21.54
N GLY B 107 -5.62 13.30 22.48
CA GLY B 107 -5.76 11.88 22.74
C GLY B 107 -5.29 11.01 21.60
N ILE B 108 -4.20 11.42 20.95
CA ILE B 108 -3.61 10.68 19.83
C ILE B 108 -2.44 9.86 20.34
N PRO B 109 -2.58 8.53 20.54
CA PRO B 109 -1.44 7.71 20.97
C PRO B 109 -0.18 8.06 20.23
N VAL B 110 0.92 8.34 20.93
CA VAL B 110 2.19 8.58 20.23
C VAL B 110 2.55 7.38 19.38
N ASP B 111 2.11 6.18 19.77
CA ASP B 111 2.17 5.02 18.88
C ASP B 111 1.67 5.36 17.48
N ALA B 112 0.61 6.15 17.38
CA ALA B 112 -0.07 6.39 16.10
C ALA B 112 -0.17 7.87 15.73
N LEU B 113 0.83 8.70 16.06
CA LEU B 113 0.75 10.08 15.59
C LEU B 113 1.32 10.21 14.18
N PRO B 114 2.47 9.57 13.87
CA PRO B 114 2.94 9.58 12.47
C PRO B 114 1.90 9.18 11.44
N GLU B 115 1.21 8.05 11.64
CA GLU B 115 0.23 7.61 10.65
C GLU B 115 -0.88 8.65 10.47
N TYR B 116 -1.32 9.27 11.57
CA TYR B 116 -2.34 10.30 11.45
C TYR B 116 -1.82 11.51 10.69
N LEU B 117 -0.58 11.93 10.98
CA LEU B 117 -0.04 13.13 10.38
C LEU B 117 0.14 12.95 8.89
N GLU B 118 0.45 11.73 8.45
CA GLU B 118 0.47 11.42 7.02
C GLU B 118 -0.90 11.64 6.40
N GLU B 119 -1.93 11.02 6.98
CA GLU B 119 -3.29 11.22 6.50
C GLU B 119 -3.64 12.71 6.46
N PHE B 120 -3.20 13.46 7.48
CA PHE B 120 -3.52 14.88 7.53
C PHE B 120 -2.72 15.66 6.48
N THR B 121 -1.43 15.35 6.34
CA THR B 121 -0.63 16.07 5.35
C THR B 121 -1.21 15.91 3.95
N ASN B 122 -1.63 14.69 3.60
CA ASN B 122 -2.29 14.45 2.31
C ASN B 122 -3.49 15.34 2.14
N THR B 123 -4.34 15.41 3.18
CA THR B 123 -5.51 16.28 3.14
C THR B 123 -5.13 17.72 2.85
N ALA B 124 -4.09 18.22 3.54
CA ALA B 124 -3.66 19.61 3.40
C ALA B 124 -3.25 19.92 1.96
N SER B 125 -2.62 18.96 1.29
CA SER B 125 -2.06 19.22 -0.03
C SER B 125 -3.13 19.47 -1.07
N ILE B 126 -4.32 18.90 -0.89
CA ILE B 126 -5.41 19.11 -1.84
C ILE B 126 -5.61 20.60 -2.06
N SER B 127 -5.66 21.34 -0.95
CA SER B 127 -6.00 22.76 -0.95
C SER B 127 -4.78 23.64 -1.18
N MET B 128 -3.74 23.45 -0.38
CA MET B 128 -2.59 24.34 -0.45
C MET B 128 -1.84 24.21 -1.77
N ASP B 129 -1.55 22.98 -2.18
CA ASP B 129 -0.71 22.75 -3.33
C ASP B 129 -1.48 22.68 -4.64
N ARG B 130 -2.73 23.11 -4.66
CA ARG B 130 -3.47 23.11 -5.92
C ARG B 130 -2.87 24.12 -6.90
N PRO B 131 -2.60 23.72 -8.15
CA PRO B 131 -2.13 24.68 -9.15
C PRO B 131 -3.12 25.81 -9.38
N ASP B 132 -2.58 26.99 -9.75
CA ASP B 132 -3.43 28.16 -9.96
C ASP B 132 -4.31 28.06 -11.21
N THR B 133 -3.99 27.19 -12.18
CA THR B 133 -4.91 27.07 -13.32
C THR B 133 -6.19 26.34 -12.94
N ARG B 134 -6.21 25.67 -11.80
CA ARG B 134 -7.37 24.93 -11.33
C ARG B 134 -8.19 25.74 -10.34
N ARG B 135 -7.74 26.93 -9.98
CA ARG B 135 -8.56 27.83 -9.19
C ARG B 135 -9.57 28.53 -10.10
N ILE B 136 -10.76 28.80 -9.55
CA ILE B 136 -11.83 29.44 -10.30
C ILE B 136 -12.62 30.33 -9.34
N PRO B 137 -12.66 31.65 -9.55
CA PRO B 137 -13.33 32.52 -8.57
C PRO B 137 -14.81 32.23 -8.50
N ALA B 138 -15.38 32.45 -7.30
CA ALA B 138 -16.68 31.90 -6.97
C ALA B 138 -17.74 32.27 -7.99
N ALA B 139 -17.68 33.49 -8.53
CA ALA B 139 -18.71 33.91 -9.47
C ALA B 139 -18.59 33.19 -10.81
N GLU B 140 -17.36 32.92 -11.26
CA GLU B 140 -17.18 32.06 -12.43
C GLU B 140 -17.80 30.69 -12.17
N LEU B 141 -17.52 30.12 -11.01
CA LEU B 141 -18.11 28.84 -10.63
C LEU B 141 -19.64 28.92 -10.64
N ALA B 142 -20.20 29.94 -9.99
CA ALA B 142 -21.65 29.98 -9.76
C ALA B 142 -22.47 29.92 -11.05
N VAL B 143 -21.85 30.12 -12.21
CA VAL B 143 -22.52 29.91 -13.49
C VAL B 143 -21.88 28.74 -14.25
N ALA B 144 -20.95 28.04 -13.62
CA ALA B 144 -20.32 26.86 -14.20
C ALA B 144 -21.25 25.65 -14.04
N ASP B 145 -20.85 24.51 -14.58
CA ASP B 145 -21.77 23.39 -14.65
C ASP B 145 -21.31 22.22 -13.77
N PHE B 146 -22.09 21.14 -13.87
CA PHE B 146 -22.16 20.10 -12.85
C PHE B 146 -20.79 19.52 -12.53
N GLN B 147 -20.09 19.02 -13.54
CA GLN B 147 -18.83 18.36 -13.28
C GLN B 147 -17.70 19.35 -13.03
N THR B 148 -17.86 20.60 -13.43
CA THR B 148 -16.86 21.59 -13.09
C THR B 148 -16.92 21.96 -11.61
N ILE B 149 -18.12 22.18 -11.07
CA ILE B 149 -18.24 22.40 -9.63
C ILE B 149 -17.77 21.18 -8.87
N GLU B 150 -17.85 20.00 -9.49
CA GLU B 150 -17.46 18.79 -8.81
C GLU B 150 -15.95 18.76 -8.59
N LYS B 151 -15.19 18.94 -9.66
CA LYS B 151 -13.73 18.90 -9.55
C LYS B 151 -13.17 20.04 -8.71
N THR B 152 -13.90 21.15 -8.58
CA THR B 152 -13.37 22.33 -7.91
C THR B 152 -13.45 22.24 -6.39
N MET B 153 -14.29 21.38 -5.83
CA MET B 153 -14.41 21.30 -4.38
C MET B 153 -13.08 20.87 -3.75
N THR B 154 -12.76 21.44 -2.59
CA THR B 154 -11.57 21.08 -1.85
C THR B 154 -11.81 20.89 -0.36
N GLU B 155 -12.99 21.23 0.15
CA GLU B 155 -13.23 21.19 1.57
C GLU B 155 -13.57 19.80 2.08
N GLY B 156 -14.07 18.92 1.21
CA GLY B 156 -14.48 17.60 1.69
C GLY B 156 -15.52 17.67 2.80
N HIS B 157 -15.51 16.63 3.62
CA HIS B 157 -16.44 16.57 4.74
C HIS B 157 -16.17 17.73 5.70
N PRO B 158 -17.18 18.52 6.05
CA PRO B 158 -16.92 19.69 6.91
C PRO B 158 -16.67 19.34 8.38
N CYS B 159 -16.74 18.08 8.79
CA CYS B 159 -16.49 17.77 10.19
C CYS B 159 -15.11 17.14 10.39
N LEU B 160 -14.85 16.00 9.74
CA LEU B 160 -13.52 15.40 9.84
C LEU B 160 -12.46 16.38 9.37
N VAL B 161 -11.36 16.49 10.12
CA VAL B 161 -10.29 17.33 9.61
C VAL B 161 -9.39 16.54 8.66
N ALA B 162 -9.06 15.28 8.98
CA ALA B 162 -8.22 14.42 8.12
C ALA B 162 -9.12 13.61 7.19
N ASN B 163 -9.65 14.30 6.18
CA ASN B 163 -10.73 13.77 5.37
C ASN B 163 -10.31 13.47 3.93
N ALA B 164 -9.01 13.30 3.68
CA ALA B 164 -8.54 13.10 2.31
C ALA B 164 -7.20 12.36 2.30
N GLY B 165 -7.07 11.37 3.18
CA GLY B 165 -5.89 10.55 3.20
C GLY B 165 -5.57 9.93 1.84
N ARG B 166 -6.53 9.18 1.30
CA ARG B 166 -6.31 8.42 0.08
C ARG B 166 -5.03 7.60 0.21
N LEU B 167 -4.97 6.85 1.30
CA LEU B 167 -3.86 5.92 1.53
C LEU B 167 -3.91 4.79 0.51
N GLY B 168 -2.80 4.60 -0.21
CA GLY B 168 -2.72 3.72 -1.36
C GLY B 168 -2.43 4.47 -2.64
N PHE B 169 -2.93 5.69 -2.75
CA PHE B 169 -2.69 6.50 -3.92
C PHE B 169 -1.28 7.07 -3.86
N SER B 170 -0.55 6.93 -4.94
CA SER B 170 0.74 7.58 -5.10
C SER B 170 0.50 9.01 -5.55
N ALA B 171 1.59 9.70 -5.90
CA ALA B 171 1.50 11.07 -6.36
C ALA B 171 0.87 11.17 -7.74
N ASP B 172 1.09 10.16 -8.60
CA ASP B 172 0.43 10.10 -9.91
C ASP B 172 -1.00 9.58 -9.78
N ASP B 173 -1.23 8.64 -8.87
CA ASP B 173 -2.59 8.19 -8.62
C ASP B 173 -3.48 9.37 -8.24
N ILE B 174 -2.97 10.28 -7.41
CA ILE B 174 -3.75 11.46 -7.07
C ILE B 174 -3.98 12.31 -8.31
N GLU B 175 -3.05 12.30 -9.26
CA GLU B 175 -3.24 13.14 -10.43
C GLU B 175 -4.27 12.57 -11.41
N ARG B 176 -4.31 11.25 -11.58
CA ARG B 176 -5.17 10.61 -12.56
C ARG B 176 -6.57 10.38 -12.03
N TYR B 177 -6.69 10.14 -10.73
CA TYR B 177 -7.85 9.48 -10.17
C TYR B 177 -8.59 10.25 -9.09
N ALA B 178 -8.00 11.29 -8.52
CA ALA B 178 -8.66 12.07 -7.50
C ALA B 178 -9.59 13.09 -8.14
N PRO B 179 -10.68 13.47 -7.46
CA PRO B 179 -11.66 14.36 -8.09
C PRO B 179 -11.12 15.77 -8.29
N GLU B 180 -10.41 16.31 -7.29
CA GLU B 180 -9.87 17.65 -7.40
C GLU B 180 -8.92 17.81 -8.59
N SER B 181 -8.34 16.71 -9.08
CA SER B 181 -7.54 16.75 -10.29
C SER B 181 -8.38 17.04 -11.52
N GLY B 182 -9.68 16.73 -11.47
CA GLY B 182 -10.53 16.89 -12.63
C GLY B 182 -10.04 16.20 -13.89
N GLY B 183 -9.62 14.93 -13.77
CA GLY B 183 -9.25 14.14 -14.91
C GLY B 183 -10.39 13.23 -15.35
N ARG B 184 -10.10 12.43 -16.38
CA ARG B 184 -11.09 11.50 -16.89
C ARG B 184 -10.40 10.29 -17.51
N PHE B 185 -10.80 9.08 -17.07
CA PHE B 185 -10.21 7.86 -17.60
C PHE B 185 -11.28 6.88 -18.10
N ALA B 186 -10.84 5.95 -18.94
CA ALA B 186 -11.64 4.77 -19.23
C ALA B 186 -11.54 3.78 -18.07
N LEU B 187 -12.53 2.91 -17.98
CA LEU B 187 -12.53 1.85 -16.98
C LEU B 187 -12.10 0.57 -17.66
N GLU B 188 -11.47 -0.31 -16.89
CA GLU B 188 -11.03 -1.63 -17.38
C GLU B 188 -12.17 -2.62 -17.25
N TRP B 189 -12.51 -3.28 -18.35
CA TRP B 189 -13.58 -4.28 -18.36
C TRP B 189 -12.99 -5.68 -18.42
N VAL B 190 -13.62 -6.61 -17.69
CA VAL B 190 -13.16 -8.00 -17.64
C VAL B 190 -14.38 -8.91 -17.64
N ALA B 191 -14.22 -10.10 -18.22
CA ALA B 191 -15.25 -11.12 -18.12
C ALA B 191 -14.95 -12.02 -16.93
N VAL B 192 -16.00 -12.39 -16.19
CA VAL B 192 -15.86 -13.21 -14.98
C VAL B 192 -16.83 -14.38 -15.04
N LEU B 193 -16.37 -15.54 -14.58
CA LEU B 193 -17.19 -16.74 -14.58
C LEU B 193 -18.51 -16.52 -13.84
N ARG B 194 -19.63 -16.71 -14.55
CA ARG B 194 -20.94 -16.54 -13.93
C ARG B 194 -21.13 -17.43 -12.70
N VAL B 195 -20.45 -18.57 -12.65
CA VAL B 195 -20.57 -19.43 -11.49
C VAL B 195 -19.79 -18.89 -10.30
N ASN B 196 -18.83 -18.01 -10.53
CA ASN B 196 -18.15 -17.35 -9.43
C ASN B 196 -18.69 -15.96 -9.17
N THR B 197 -19.73 -15.53 -9.89
CA THR B 197 -20.20 -14.17 -9.80
C THR B 197 -21.66 -14.13 -9.39
N ASP B 198 -21.97 -13.31 -8.40
CA ASP B 198 -23.32 -12.83 -8.17
C ASP B 198 -23.55 -11.57 -9.00
N PHE B 199 -24.66 -11.54 -9.73
CA PHE B 199 -25.17 -10.31 -10.30
C PHE B 199 -26.60 -10.13 -9.80
N ALA B 200 -27.04 -8.88 -9.70
CA ALA B 200 -28.28 -8.58 -9.02
C ALA B 200 -28.79 -7.25 -9.54
N ALA B 201 -30.09 -7.17 -9.77
CA ALA B 201 -30.61 -5.99 -10.44
C ALA B 201 -32.00 -5.67 -9.92
N MET B 202 -32.43 -4.46 -10.22
CA MET B 202 -33.74 -4.00 -9.83
C MET B 202 -34.78 -4.48 -10.83
N SER B 203 -36.02 -4.54 -10.39
CA SER B 203 -37.12 -4.82 -11.29
C SER B 203 -37.18 -3.75 -12.36
N GLY B 204 -36.98 -4.16 -13.61
CA GLY B 204 -36.95 -3.22 -14.72
C GLY B 204 -35.60 -3.15 -15.41
N THR B 205 -34.57 -3.70 -14.78
CA THR B 205 -33.21 -3.71 -15.28
C THR B 205 -32.75 -5.15 -15.41
N GLU B 206 -32.10 -5.47 -16.53
CA GLU B 206 -31.64 -6.83 -16.81
C GLU B 206 -30.20 -6.77 -17.29
N TYR B 207 -29.42 -7.81 -16.98
CA TYR B 207 -28.01 -7.81 -17.39
C TYR B 207 -27.87 -7.58 -18.88
N ASP B 208 -28.62 -8.34 -19.70
CA ASP B 208 -28.40 -8.25 -21.14
C ASP B 208 -28.78 -6.88 -21.68
N THR B 209 -29.83 -6.27 -21.16
CA THR B 209 -30.20 -4.96 -21.65
C THR B 209 -29.32 -3.86 -21.08
N LEU B 210 -28.86 -4.00 -19.83
CA LEU B 210 -28.00 -2.99 -19.24
C LEU B 210 -26.62 -3.01 -19.87
N ILE B 211 -26.04 -4.20 -20.03
CA ILE B 211 -24.71 -4.30 -20.61
C ILE B 211 -24.72 -3.77 -22.04
N ARG B 212 -25.85 -3.84 -22.73
CA ARG B 212 -25.92 -3.30 -24.07
C ARG B 212 -26.06 -1.79 -24.04
N ASP B 213 -26.85 -1.27 -23.10
CA ASP B 213 -27.03 0.17 -23.00
C ASP B 213 -25.74 0.88 -22.60
N GLU B 214 -24.95 0.26 -21.71
CA GLU B 214 -23.74 0.89 -21.21
C GLU B 214 -22.55 0.74 -22.15
N LEU B 215 -22.55 -0.24 -23.06
CA LEU B 215 -21.41 -0.51 -23.92
C LEU B 215 -21.66 -0.33 -25.41
N GLY B 216 -22.86 -0.58 -25.91
CA GLY B 216 -23.06 -0.58 -27.36
C GLY B 216 -22.64 -1.90 -27.98
N ALA B 217 -23.26 -2.28 -29.10
CA ALA B 217 -23.08 -3.65 -29.60
C ALA B 217 -21.72 -3.83 -30.27
N ASP B 218 -21.16 -2.76 -30.83
CA ASP B 218 -19.80 -2.83 -31.35
C ASP B 218 -18.86 -3.31 -30.26
N THR B 219 -18.72 -2.51 -29.20
CA THR B 219 -17.81 -2.88 -28.13
C THR B 219 -18.12 -4.26 -27.60
N LEU B 220 -19.42 -4.60 -27.51
CA LEU B 220 -19.81 -5.91 -27.01
C LEU B 220 -19.35 -7.02 -27.93
N ALA B 221 -19.46 -6.82 -29.25
CA ALA B 221 -19.01 -7.84 -30.19
C ALA B 221 -17.50 -8.04 -30.11
N ARG B 222 -16.74 -6.96 -29.91
CA ARG B 222 -15.29 -7.09 -29.84
C ARG B 222 -14.86 -7.80 -28.57
N PHE B 223 -15.48 -7.45 -27.43
CA PHE B 223 -15.27 -8.22 -26.20
C PHE B 223 -15.59 -9.70 -26.45
N ASP B 224 -16.77 -9.98 -27.03
CA ASP B 224 -17.16 -11.37 -27.30
C ASP B 224 -16.10 -12.11 -28.12
N ARG B 225 -15.50 -11.42 -29.09
CA ARG B 225 -14.43 -12.05 -29.88
C ARG B 225 -13.18 -12.31 -29.04
N VAL B 226 -12.81 -11.38 -28.13
CA VAL B 226 -11.70 -11.67 -27.23
C VAL B 226 -11.93 -12.99 -26.53
N LEU B 227 -13.11 -13.17 -25.94
CA LEU B 227 -13.43 -14.43 -25.26
C LEU B 227 -13.42 -15.61 -26.23
N THR B 228 -13.94 -15.39 -27.45
CA THR B 228 -14.08 -16.49 -28.41
C THR B 228 -12.72 -16.99 -28.90
N GLY B 229 -11.85 -16.10 -29.35
CA GLY B 229 -10.53 -16.49 -29.81
C GLY B 229 -9.62 -17.06 -28.75
N ARG B 230 -10.17 -17.38 -27.59
CA ARG B 230 -9.43 -18.08 -26.54
C ARG B 230 -10.10 -19.40 -26.19
N GLY B 231 -11.08 -19.83 -26.98
CA GLY B 231 -11.79 -21.06 -26.73
C GLY B 231 -12.91 -20.97 -25.72
N LEU B 232 -13.35 -19.76 -25.42
CA LEU B 232 -14.28 -19.54 -24.33
C LEU B 232 -15.63 -19.12 -24.87
N ASP B 233 -16.68 -19.49 -24.14
CA ASP B 233 -18.05 -19.13 -24.50
C ASP B 233 -18.41 -17.82 -23.82
N PRO B 234 -18.61 -16.73 -24.55
CA PRO B 234 -19.16 -15.52 -23.92
C PRO B 234 -20.34 -15.80 -23.01
N ALA B 235 -21.14 -16.81 -23.34
CA ALA B 235 -22.31 -17.12 -22.53
C ALA B 235 -21.95 -17.52 -21.11
N SER B 236 -20.68 -17.88 -20.86
CA SER B 236 -20.28 -18.29 -19.52
C SER B 236 -19.85 -17.12 -18.64
N TYR B 237 -19.96 -15.87 -19.12
CA TYR B 237 -19.38 -14.74 -18.40
C TYR B 237 -20.38 -13.61 -18.24
N TYR B 238 -20.16 -12.80 -17.21
CA TYR B 238 -20.61 -11.43 -17.18
C TYR B 238 -19.43 -10.52 -17.50
N TYR B 239 -19.74 -9.34 -18.04
CA TYR B 239 -18.73 -8.31 -18.20
C TYR B 239 -18.83 -7.36 -17.02
N MET B 240 -17.69 -6.85 -16.58
CA MET B 240 -17.72 -6.22 -15.31
C MET B 240 -16.64 -5.13 -15.31
N PRO B 241 -16.98 -3.88 -14.95
CA PRO B 241 -15.98 -2.79 -14.94
C PRO B 241 -15.08 -2.83 -13.71
N VAL B 242 -13.80 -2.48 -13.89
CA VAL B 242 -12.81 -2.44 -12.82
C VAL B 242 -12.10 -1.10 -12.87
N HIS B 243 -11.92 -0.46 -11.72
CA HIS B 243 -11.13 0.78 -11.67
C HIS B 243 -9.70 0.47 -12.10
N PRO B 244 -9.09 1.28 -12.97
CA PRO B 244 -7.73 0.98 -13.42
C PRO B 244 -6.74 0.80 -12.29
N TRP B 245 -6.84 1.65 -11.25
CA TRP B 245 -5.98 1.51 -10.08
C TRP B 245 -6.18 0.15 -9.42
N GLN B 246 -7.44 -0.23 -9.18
CA GLN B 246 -7.74 -1.49 -8.51
C GLN B 246 -7.29 -2.69 -9.32
N TRP B 247 -7.50 -2.64 -10.65
CA TRP B 247 -6.95 -3.67 -11.51
C TRP B 247 -5.48 -3.87 -11.22
N ALA B 248 -4.69 -2.79 -11.41
CA ALA B 248 -3.23 -2.85 -11.32
C ALA B 248 -2.75 -3.29 -9.96
N GLU B 249 -3.20 -2.62 -8.89
CA GLU B 249 -2.64 -2.88 -7.58
C GLU B 249 -3.21 -4.12 -6.94
N LYS B 250 -4.49 -4.43 -7.18
CA LYS B 250 -5.17 -5.45 -6.38
C LYS B 250 -5.57 -6.68 -7.17
N ILE B 251 -6.35 -6.53 -8.25
CA ILE B 251 -6.94 -7.71 -8.90
C ILE B 251 -5.87 -8.56 -9.55
N ALA B 252 -4.97 -7.93 -10.32
CA ALA B 252 -4.02 -8.68 -11.14
C ALA B 252 -3.06 -9.52 -10.28
N ARG B 253 -2.64 -8.99 -9.13
CA ARG B 253 -1.71 -9.76 -8.30
C ARG B 253 -2.44 -10.82 -7.48
N ILE B 254 -3.52 -10.43 -6.78
CA ILE B 254 -4.20 -11.34 -5.86
C ILE B 254 -5.03 -12.37 -6.61
N TYR B 255 -5.62 -12.00 -7.72
CA TYR B 255 -6.42 -12.94 -8.49
C TYR B 255 -5.62 -13.52 -9.64
N ALA B 256 -4.30 -13.66 -9.46
CA ALA B 256 -3.44 -14.04 -10.57
C ALA B 256 -3.82 -15.39 -11.13
N VAL B 257 -4.18 -16.35 -10.26
CA VAL B 257 -4.50 -17.71 -10.72
C VAL B 257 -5.81 -17.69 -11.49
N ASP B 258 -6.81 -17.02 -10.94
CA ASP B 258 -8.09 -16.93 -11.63
C ASP B 258 -7.91 -16.29 -12.99
N ILE B 259 -7.04 -15.29 -13.08
CA ILE B 259 -6.79 -14.66 -14.37
C ILE B 259 -6.12 -15.65 -15.31
N ALA B 260 -5.10 -16.35 -14.82
CA ALA B 260 -4.36 -17.28 -15.65
C ALA B 260 -5.26 -18.40 -16.17
N GLU B 261 -6.15 -18.92 -15.32
CA GLU B 261 -6.89 -20.13 -15.62
C GLU B 261 -8.23 -19.89 -16.34
N GLY B 262 -8.49 -18.68 -16.82
CA GLY B 262 -9.70 -18.40 -17.58
C GLY B 262 -10.83 -17.78 -16.80
N ARG B 263 -10.77 -17.80 -15.46
CA ARG B 263 -11.92 -17.36 -14.67
C ARG B 263 -12.14 -15.85 -14.75
N ILE B 264 -11.09 -15.08 -14.95
CA ILE B 264 -11.20 -13.65 -15.16
C ILE B 264 -10.43 -13.31 -16.42
N VAL B 265 -11.07 -12.61 -17.35
CA VAL B 265 -10.51 -12.38 -18.68
C VAL B 265 -10.59 -10.90 -19.04
N PRO B 266 -9.48 -10.19 -19.01
CA PRO B 266 -9.52 -8.78 -19.41
C PRO B 266 -9.91 -8.71 -20.88
N VAL B 267 -10.68 -7.67 -21.23
CA VAL B 267 -11.05 -7.43 -22.62
C VAL B 267 -10.79 -6.00 -23.08
N GLY B 268 -10.22 -5.15 -22.24
CA GLY B 268 -9.88 -3.81 -22.67
C GLY B 268 -10.78 -2.75 -22.06
N ALA B 269 -10.39 -1.50 -22.28
CA ALA B 269 -11.12 -0.40 -21.68
C ALA B 269 -12.45 -0.18 -22.39
N GLY B 270 -13.41 0.38 -21.66
CA GLY B 270 -14.66 0.78 -22.25
C GLY B 270 -14.54 1.95 -23.23
N PRO B 271 -15.59 2.19 -24.01
CA PRO B 271 -15.53 3.27 -25.00
C PRO B 271 -15.80 4.66 -24.45
N ASP B 272 -16.05 4.80 -23.15
CA ASP B 272 -16.29 6.10 -22.55
C ASP B 272 -15.22 6.40 -21.50
N ARG B 273 -15.07 7.69 -21.20
CA ARG B 273 -14.24 8.15 -20.12
C ARG B 273 -15.12 8.68 -18.99
N TYR B 274 -14.63 8.50 -17.76
CA TYR B 274 -15.36 8.84 -16.55
C TYR B 274 -14.60 9.88 -15.72
N GLN B 275 -15.35 10.66 -14.93
CA GLN B 275 -14.72 11.61 -14.02
C GLN B 275 -15.01 11.20 -12.59
N PRO B 276 -13.99 11.02 -11.76
CA PRO B 276 -14.24 10.64 -10.35
C PRO B 276 -15.00 11.72 -9.61
N GLN B 277 -16.08 11.33 -8.95
CA GLN B 277 -16.78 12.25 -8.06
C GLN B 277 -16.06 12.32 -6.72
N GLN B 278 -16.65 13.03 -5.76
CA GLN B 278 -16.00 13.23 -4.47
C GLN B 278 -15.74 11.92 -3.72
N SER B 279 -16.60 10.91 -3.87
CA SER B 279 -16.32 9.61 -3.25
C SER B 279 -15.02 8.95 -3.76
N ILE B 280 -14.47 9.41 -4.88
CA ILE B 280 -13.25 8.92 -5.54
C ILE B 280 -13.53 7.63 -6.30
N ARG B 281 -14.24 6.71 -5.67
CA ARG B 281 -14.52 5.39 -6.24
C ARG B 281 -15.85 5.34 -7.00
N THR B 282 -16.55 6.47 -7.08
CA THR B 282 -17.76 6.57 -7.88
C THR B 282 -17.48 7.59 -8.98
N VAL B 283 -17.54 7.15 -10.23
CA VAL B 283 -17.18 7.98 -11.37
C VAL B 283 -18.41 8.26 -12.23
N PHE B 284 -18.38 9.41 -12.89
CA PHE B 284 -19.49 9.92 -13.70
C PHE B 284 -19.09 9.85 -15.16
N ASN B 285 -20.00 9.38 -16.01
CA ASN B 285 -19.69 9.16 -17.43
C ASN B 285 -19.65 10.48 -18.16
N VAL B 286 -18.45 11.04 -18.36
CA VAL B 286 -18.38 12.34 -19.03
C VAL B 286 -18.43 12.25 -20.55
N SER B 287 -18.25 11.06 -21.13
CA SER B 287 -18.46 10.90 -22.56
C SER B 287 -19.95 10.91 -22.90
N VAL B 288 -20.73 10.11 -22.17
CA VAL B 288 -22.16 9.97 -22.36
C VAL B 288 -22.84 10.26 -21.03
N PRO B 289 -23.14 11.52 -20.74
CA PRO B 289 -23.58 11.88 -19.37
C PRO B 289 -24.89 11.22 -18.91
N THR B 290 -25.71 10.67 -19.81
CA THR B 290 -26.90 9.95 -19.38
C THR B 290 -26.63 8.49 -19.09
N ARG B 291 -25.45 7.99 -19.42
CA ARG B 291 -25.09 6.64 -19.03
C ARG B 291 -24.85 6.57 -17.53
N HIS B 292 -24.83 5.36 -17.00
CA HIS B 292 -24.78 5.21 -15.56
C HIS B 292 -23.46 5.70 -14.97
N TYR B 293 -23.54 6.24 -13.74
CA TYR B 293 -22.42 6.22 -12.80
C TYR B 293 -21.90 4.78 -12.68
N VAL B 294 -20.61 4.64 -12.45
CA VAL B 294 -20.08 3.37 -11.99
C VAL B 294 -19.46 3.61 -10.62
N LYS B 295 -19.76 2.74 -9.66
CA LYS B 295 -19.10 2.74 -8.38
C LYS B 295 -18.33 1.45 -8.29
N THR B 296 -17.01 1.57 -8.15
CA THR B 296 -16.05 0.49 -8.29
C THR B 296 -15.41 0.23 -6.94
N ALA B 297 -15.07 -1.02 -6.67
CA ALA B 297 -14.21 -1.31 -5.52
C ALA B 297 -12.86 -0.62 -5.71
N LEU B 298 -12.50 0.24 -4.75
CA LEU B 298 -11.23 0.94 -4.77
C LEU B 298 -10.63 0.75 -3.38
N SER B 299 -9.86 -0.31 -3.23
CA SER B 299 -9.30 -0.63 -1.93
C SER B 299 -8.23 0.36 -1.46
N ILE B 300 -8.56 1.66 -1.38
CA ILE B 300 -7.69 2.62 -0.72
C ILE B 300 -8.23 2.81 0.69
N VAL B 301 -7.60 3.66 1.49
CA VAL B 301 -8.13 4.01 2.82
C VAL B 301 -8.40 5.50 2.85
N ASN B 302 -9.63 5.87 3.24
CA ASN B 302 -10.04 7.28 3.26
C ASN B 302 -11.06 7.46 4.37
N MET B 303 -10.67 8.20 5.41
CA MET B 303 -11.49 8.45 6.60
C MET B 303 -11.58 7.17 7.46
N GLY B 304 -10.40 6.61 7.76
CA GLY B 304 -10.24 5.41 8.57
C GLY B 304 -10.80 4.16 7.92
N PHE B 305 -11.62 4.40 6.88
CA PHE B 305 -12.44 3.43 6.18
C PHE B 305 -11.78 2.96 4.88
N THR B 306 -11.85 1.67 4.64
CA THR B 306 -11.22 1.06 3.49
C THR B 306 -12.28 0.85 2.42
N ARG B 307 -12.07 1.43 1.24
CA ARG B 307 -13.14 1.70 0.28
C ARG B 307 -13.34 0.59 -0.76
N GLY B 308 -13.11 -0.66 -0.40
CA GLY B 308 -13.57 -1.76 -1.22
C GLY B 308 -15.05 -2.02 -1.01
N MET B 309 -15.56 -3.01 -1.73
CA MET B 309 -16.98 -3.35 -1.69
C MET B 309 -17.12 -4.86 -1.73
N SER B 310 -17.79 -5.44 -0.73
CA SER B 310 -17.92 -6.90 -0.70
C SER B 310 -18.94 -7.38 -1.73
N ALA B 311 -18.65 -8.53 -2.36
CA ALA B 311 -19.59 -9.11 -3.31
C ALA B 311 -20.84 -9.64 -2.63
N ASP B 312 -20.78 -9.82 -1.31
CA ASP B 312 -21.97 -10.20 -0.58
C ASP B 312 -22.94 -9.02 -0.44
N TYR B 313 -22.41 -7.79 -0.36
CA TYR B 313 -23.26 -6.59 -0.47
C TYR B 313 -23.82 -6.42 -1.88
N MET B 314 -22.99 -6.62 -2.92
CA MET B 314 -23.46 -6.49 -4.29
C MET B 314 -24.69 -7.34 -4.51
N ARG B 315 -24.73 -8.51 -3.88
CA ARG B 315 -25.85 -9.42 -4.06
C ARG B 315 -27.16 -8.77 -3.66
N THR B 316 -27.12 -7.96 -2.60
CA THR B 316 -28.33 -7.52 -1.92
C THR B 316 -28.60 -6.03 -2.00
N THR B 317 -27.67 -5.22 -2.53
CA THR B 317 -27.93 -3.80 -2.62
C THR B 317 -29.01 -3.42 -3.63
N PRO B 318 -29.06 -3.97 -4.85
CA PRO B 318 -30.12 -3.56 -5.77
C PRO B 318 -31.49 -4.03 -5.32
N LEU B 319 -31.53 -4.98 -4.38
CA LEU B 319 -32.78 -5.47 -3.83
C LEU B 319 -33.35 -4.49 -2.80
N ILE B 320 -32.57 -4.14 -1.78
CA ILE B 320 -32.94 -3.04 -0.89
C ILE B 320 -33.38 -1.82 -1.68
N ASN B 321 -32.67 -1.50 -2.76
CA ASN B 321 -33.08 -0.40 -3.62
C ASN B 321 -34.49 -0.63 -4.15
N ASP B 322 -34.78 -1.86 -4.59
CA ASP B 322 -36.10 -2.15 -5.18
C ASP B 322 -37.20 -1.94 -4.15
N TRP B 323 -36.97 -2.40 -2.93
CA TRP B 323 -37.91 -2.17 -1.84
C TRP B 323 -38.14 -0.67 -1.59
N VAL B 324 -37.07 0.12 -1.49
CA VAL B 324 -37.23 1.56 -1.25
C VAL B 324 -38.04 2.20 -2.37
N ARG B 325 -37.61 2.06 -3.62
CA ARG B 325 -38.37 2.67 -4.71
C ARG B 325 -39.84 2.26 -4.68
N SER B 326 -40.13 1.03 -4.26
CA SER B 326 -41.53 0.59 -4.24
C SER B 326 -42.30 1.24 -3.11
N ARG B 327 -41.67 1.41 -1.94
CA ARG B 327 -42.35 2.05 -0.83
C ARG B 327 -42.53 3.55 -1.03
N VAL B 328 -42.08 4.12 -2.15
CA VAL B 328 -42.29 5.53 -2.47
C VAL B 328 -42.76 5.74 -3.90
N HIS B 329 -42.83 4.69 -4.71
CA HIS B 329 -43.46 4.76 -6.02
C HIS B 329 -44.88 5.32 -5.88
N GLY B 330 -45.06 6.60 -6.21
CA GLY B 330 -46.40 7.16 -6.20
C GLY B 330 -46.57 8.37 -5.32
N ASP B 331 -46.03 8.31 -4.10
CA ASP B 331 -46.08 9.36 -3.08
C ASP B 331 -46.29 10.74 -3.66
N PRO B 332 -47.52 11.27 -3.65
CA PRO B 332 -47.79 12.54 -4.33
C PRO B 332 -47.12 13.73 -3.66
N TYR B 333 -46.81 13.66 -2.37
CA TYR B 333 -46.18 14.81 -1.72
C TYR B 333 -44.73 14.95 -2.15
N LEU B 334 -44.00 13.84 -2.06
CA LEU B 334 -42.65 13.79 -2.59
C LEU B 334 -42.63 14.19 -4.06
N ALA B 335 -43.56 13.67 -4.85
CA ALA B 335 -43.69 14.11 -6.23
C ALA B 335 -44.07 15.58 -6.37
N SER B 336 -44.72 16.18 -5.36
CA SER B 336 -45.21 17.52 -5.60
C SER B 336 -44.08 18.52 -5.51
N ILE B 337 -43.14 18.30 -4.58
CA ILE B 337 -41.98 19.18 -4.36
C ILE B 337 -40.80 18.83 -5.28
N GLY B 338 -40.93 17.81 -6.11
CA GLY B 338 -39.88 17.50 -7.06
C GLY B 338 -38.75 16.66 -6.52
N PHE B 339 -38.88 16.13 -5.30
CA PHE B 339 -37.83 15.29 -4.76
C PHE B 339 -37.62 14.06 -5.61
N GLU B 340 -36.37 13.62 -5.71
CA GLU B 340 -36.05 12.43 -6.49
C GLU B 340 -34.91 11.69 -5.82
N MET B 341 -34.96 10.37 -5.90
CA MET B 341 -33.89 9.49 -5.54
C MET B 341 -33.34 8.85 -6.80
N ILE B 342 -32.04 8.80 -6.93
CA ILE B 342 -31.42 8.02 -7.99
C ILE B 342 -30.90 6.70 -7.41
N TYR B 343 -31.27 5.60 -8.04
CA TYR B 343 -31.10 4.27 -7.47
C TYR B 343 -29.84 3.58 -7.98
N GLU B 344 -29.35 2.65 -7.15
CA GLU B 344 -28.32 1.71 -7.55
C GLU B 344 -29.03 0.55 -8.23
N VAL B 345 -29.01 0.54 -9.58
CA VAL B 345 -29.92 -0.32 -10.34
C VAL B 345 -29.39 -1.74 -10.53
N ALA B 346 -28.06 -1.92 -10.63
CA ALA B 346 -27.47 -3.26 -10.73
C ALA B 346 -26.16 -3.30 -9.95
N ALA B 347 -25.76 -4.52 -9.58
CA ALA B 347 -24.52 -4.76 -8.87
C ALA B 347 -23.96 -6.10 -9.30
N ILE B 348 -22.66 -6.29 -9.08
CA ILE B 348 -21.97 -7.48 -9.55
C ILE B 348 -20.73 -7.65 -8.70
N GLY B 349 -20.42 -8.91 -8.36
CA GLY B 349 -19.37 -9.22 -7.42
C GLY B 349 -18.80 -10.62 -7.57
N TYR B 350 -17.48 -10.73 -7.62
CA TYR B 350 -16.76 -11.98 -7.85
C TYR B 350 -16.39 -12.62 -6.52
N ARG B 351 -16.64 -13.92 -6.40
CA ARG B 351 -16.23 -14.71 -5.22
C ARG B 351 -15.21 -15.74 -5.70
N ASN B 352 -13.97 -15.56 -5.32
CA ASN B 352 -12.95 -16.57 -5.58
C ASN B 352 -13.10 -17.67 -4.54
N THR B 353 -13.17 -18.92 -4.99
CA THR B 353 -13.51 -20.00 -4.07
C THR B 353 -12.53 -20.06 -2.89
N THR B 354 -11.23 -19.99 -3.20
CA THR B 354 -10.20 -20.25 -2.21
C THR B 354 -10.15 -19.15 -1.15
N LEU B 355 -10.34 -17.89 -1.56
CA LEU B 355 -10.28 -16.82 -0.60
C LEU B 355 -11.48 -16.85 0.33
N THR B 356 -12.66 -17.20 -0.18
CA THR B 356 -13.86 -17.23 0.66
C THR B 356 -13.72 -18.28 1.76
N ALA B 357 -13.18 -19.45 1.41
CA ALA B 357 -12.99 -20.53 2.36
C ALA B 357 -12.05 -20.12 3.51
N ILE B 358 -10.94 -19.47 3.19
CA ILE B 358 -9.92 -19.22 4.22
C ILE B 358 -10.12 -17.87 4.90
N THR B 359 -11.25 -17.19 4.62
CA THR B 359 -11.52 -15.88 5.21
C THR B 359 -12.93 -15.82 5.77
N ARG B 360 -13.05 -15.03 6.84
CA ARG B 360 -14.33 -14.68 7.44
C ARG B 360 -15.00 -13.58 6.62
N PRO B 361 -16.33 -13.45 6.72
CA PRO B 361 -17.00 -12.32 6.06
C PRO B 361 -16.47 -11.00 6.60
N GLY B 362 -16.47 -9.98 5.73
CA GLY B 362 -15.95 -8.67 6.06
C GLY B 362 -14.47 -8.50 5.78
N SER B 363 -13.76 -9.58 5.45
CA SER B 363 -12.37 -9.48 5.09
C SER B 363 -12.21 -8.55 3.90
N GLU B 364 -11.10 -7.80 3.90
CA GLU B 364 -10.76 -6.99 2.74
C GLU B 364 -10.56 -7.83 1.48
N TYR B 365 -10.25 -9.12 1.64
CA TYR B 365 -10.05 -9.99 0.48
C TYR B 365 -11.34 -10.32 -0.23
N ARG B 366 -12.48 -10.07 0.41
CA ARG B 366 -13.81 -10.20 -0.17
C ARG B 366 -14.32 -8.90 -0.72
N LYS B 367 -13.49 -7.85 -0.77
CA LYS B 367 -13.93 -6.53 -1.20
C LYS B 367 -13.17 -6.01 -2.41
N LEU B 368 -12.55 -6.89 -3.21
CA LEU B 368 -11.65 -6.46 -4.27
C LEU B 368 -12.35 -6.21 -5.60
N LEU B 369 -13.19 -7.14 -6.06
CA LEU B 369 -13.76 -7.14 -7.41
C LEU B 369 -15.29 -7.05 -7.33
N SER B 370 -15.81 -5.84 -7.45
CA SER B 370 -17.22 -5.53 -7.24
C SER B 370 -17.53 -4.23 -7.94
N ALA B 371 -18.71 -4.15 -8.55
CA ALA B 371 -19.16 -2.90 -9.13
C ALA B 371 -20.67 -2.84 -8.98
N LEU B 372 -21.18 -1.64 -9.18
CA LEU B 372 -22.60 -1.41 -9.23
C LEU B 372 -22.83 -0.16 -10.07
N TRP B 373 -24.03 -0.06 -10.64
CA TRP B 373 -24.39 1.08 -11.47
C TRP B 373 -25.44 1.93 -10.77
N ARG B 374 -25.42 3.22 -11.08
CA ARG B 374 -26.35 4.18 -10.49
C ARG B 374 -26.87 5.10 -11.58
N GLU B 375 -28.19 5.32 -11.61
CA GLU B 375 -28.79 6.15 -12.65
C GLU B 375 -28.15 7.53 -12.68
N SER B 376 -27.92 8.04 -13.89
CA SER B 376 -27.45 9.42 -13.97
C SER B 376 -28.60 10.40 -13.75
N PRO B 377 -28.35 11.51 -13.05
CA PRO B 377 -29.40 12.50 -12.85
C PRO B 377 -29.64 13.40 -14.06
N VAL B 378 -28.78 13.34 -15.06
CA VAL B 378 -28.77 14.38 -16.09
C VAL B 378 -30.07 14.40 -16.89
N SER B 379 -30.61 13.20 -17.24
CA SER B 379 -31.81 13.12 -18.07
C SER B 379 -33.07 13.66 -17.38
N ARG B 380 -33.03 13.95 -16.09
CA ARG B 380 -34.21 14.42 -15.36
C ARG B 380 -34.13 15.89 -14.98
N VAL B 381 -33.36 16.69 -15.71
CA VAL B 381 -33.26 18.11 -15.42
C VAL B 381 -33.39 18.91 -16.70
N ALA B 382 -33.93 20.11 -16.58
CA ALA B 382 -34.23 20.94 -17.74
C ALA B 382 -32.98 21.62 -18.29
N GLU B 383 -32.98 21.84 -19.61
CA GLU B 383 -31.87 22.51 -20.29
C GLU B 383 -31.46 23.84 -19.64
N HIS B 384 -32.32 24.41 -18.78
CA HIS B 384 -32.03 25.65 -18.07
C HIS B 384 -31.83 25.45 -16.58
N GLU B 385 -32.00 24.24 -16.06
CA GLU B 385 -31.65 24.02 -14.66
C GLU B 385 -30.16 23.70 -14.56
N GLN B 386 -29.63 23.80 -13.34
CA GLN B 386 -28.20 23.63 -13.06
C GLN B 386 -28.03 22.60 -11.95
N LEU B 387 -27.26 21.54 -12.21
CA LEU B 387 -27.00 20.51 -11.21
C LEU B 387 -25.73 20.82 -10.41
N THR B 388 -25.81 20.77 -9.09
CA THR B 388 -24.61 20.98 -8.30
C THR B 388 -24.58 20.14 -7.03
N THR B 389 -23.38 19.69 -6.67
CA THR B 389 -23.21 19.03 -5.39
C THR B 389 -23.63 19.95 -4.27
N MET B 390 -24.39 19.44 -3.31
CA MET B 390 -24.79 20.25 -2.18
C MET B 390 -23.57 20.78 -1.43
N ALA B 391 -22.39 20.16 -1.58
CA ALA B 391 -21.20 20.66 -0.90
C ALA B 391 -20.81 22.04 -1.38
N ALA B 392 -21.24 22.44 -2.58
CA ALA B 392 -20.94 23.77 -3.10
C ALA B 392 -21.41 24.88 -2.17
N LEU B 393 -22.40 24.62 -1.30
CA LEU B 393 -22.84 25.63 -0.34
C LEU B 393 -21.77 25.92 0.69
N LEU B 394 -20.88 24.96 0.94
CA LEU B 394 -19.78 25.19 1.87
C LEU B 394 -18.51 25.64 1.17
N HIS B 395 -18.57 25.85 -0.15
CA HIS B 395 -17.38 26.17 -0.90
C HIS B 395 -16.94 27.63 -0.71
N ILE B 396 -15.62 27.84 -0.71
CA ILE B 396 -15.01 29.17 -0.72
C ILE B 396 -13.85 29.19 -1.70
N ASP B 397 -13.74 30.25 -2.50
CA ASP B 397 -12.67 30.31 -3.49
C ASP B 397 -11.34 30.75 -2.85
N HIS B 398 -10.30 30.82 -3.69
CA HIS B 398 -8.96 31.22 -3.24
C HIS B 398 -8.95 32.61 -2.65
N ASN B 399 -9.93 33.44 -3.02
CA ASN B 399 -10.04 34.84 -2.62
C ASN B 399 -10.91 35.05 -1.39
N GLY B 400 -11.41 33.99 -0.77
CA GLY B 400 -12.28 34.16 0.39
C GLY B 400 -13.73 34.43 0.06
N ILE B 401 -14.18 34.16 -1.15
CA ILE B 401 -15.53 34.51 -1.60
C ILE B 401 -16.41 33.27 -1.45
N PRO B 402 -17.41 33.28 -0.56
CA PRO B 402 -18.27 32.10 -0.43
C PRO B 402 -19.15 31.94 -1.67
N LEU B 403 -19.08 30.75 -2.27
CA LEU B 403 -19.83 30.46 -3.47
C LEU B 403 -21.32 30.46 -3.20
N ALA B 404 -21.72 30.15 -1.95
CA ALA B 404 -23.15 30.20 -1.63
C ALA B 404 -23.73 31.56 -1.97
N GLY B 405 -23.09 32.63 -1.51
CA GLY B 405 -23.56 33.97 -1.82
C GLY B 405 -23.55 34.33 -3.30
N GLU B 406 -22.82 33.60 -4.12
CA GLU B 406 -22.86 33.87 -5.55
C GLU B 406 -24.08 33.24 -6.20
N PHE B 407 -24.50 32.06 -5.73
CA PHE B 407 -25.83 31.56 -6.07
C PHE B 407 -26.90 32.53 -5.60
N ILE B 408 -26.77 32.98 -4.35
CA ILE B 408 -27.75 33.86 -3.73
C ILE B 408 -27.86 35.17 -4.51
N GLN B 409 -26.72 35.78 -4.84
CA GLN B 409 -26.77 37.02 -5.62
C GLN B 409 -27.23 36.74 -7.05
N LYS B 410 -26.77 35.66 -7.66
CA LYS B 410 -27.25 35.34 -9.01
C LYS B 410 -28.75 35.11 -9.02
N SER B 411 -29.31 34.66 -7.89
CA SER B 411 -30.70 34.24 -7.89
C SER B 411 -31.63 35.44 -7.96
N GLY B 412 -31.41 36.44 -7.12
CA GLY B 412 -32.31 37.56 -6.98
C GLY B 412 -33.10 37.54 -5.70
N LEU B 413 -33.23 36.37 -5.09
CA LEU B 413 -33.89 36.27 -3.80
C LEU B 413 -33.08 36.96 -2.70
N ALA B 414 -33.70 37.07 -1.53
CA ALA B 414 -33.04 37.59 -0.34
C ALA B 414 -32.33 36.45 0.38
N ALA B 415 -31.61 36.79 1.44
CA ALA B 415 -31.01 35.74 2.27
C ALA B 415 -32.07 34.78 2.80
N GLN B 416 -33.14 35.33 3.38
CA GLN B 416 -34.23 34.48 3.85
C GLN B 416 -34.80 33.62 2.72
N GLU B 417 -35.15 34.24 1.59
CA GLU B 417 -35.95 33.53 0.59
C GLU B 417 -35.18 32.37 -0.02
N TRP B 418 -33.87 32.54 -0.24
CA TRP B 418 -33.05 31.43 -0.70
C TRP B 418 -33.01 30.31 0.34
N LEU B 419 -32.80 30.65 1.62
CA LEU B 419 -32.69 29.61 2.64
C LEU B 419 -34.01 28.86 2.78
N ALA B 420 -35.13 29.58 2.74
CA ALA B 420 -36.42 28.93 2.94
C ALA B 420 -36.70 27.92 1.84
N ARG B 421 -36.33 28.25 0.60
CA ARG B 421 -36.56 27.35 -0.52
C ARG B 421 -35.59 26.18 -0.51
N TYR B 422 -34.32 26.44 -0.22
CA TYR B 422 -33.40 25.34 -0.04
C TYR B 422 -33.87 24.42 1.07
N LEU B 423 -34.44 24.98 2.14
CA LEU B 423 -34.93 24.13 3.22
C LEU B 423 -36.13 23.27 2.79
N ARG B 424 -36.97 23.77 1.89
CA ARG B 424 -38.07 22.95 1.39
C ARG B 424 -37.57 21.87 0.45
N ALA B 425 -36.59 22.19 -0.40
CA ALA B 425 -36.07 21.24 -1.37
C ALA B 425 -35.25 20.11 -0.75
N TYR B 426 -34.86 20.19 0.52
CA TYR B 426 -33.90 19.21 1.04
C TYR B 426 -34.22 18.77 2.46
N LEU B 427 -34.53 19.73 3.34
CA LEU B 427 -34.84 19.38 4.72
C LEU B 427 -36.19 18.68 4.81
N HIS B 428 -37.19 19.19 4.09
CA HIS B 428 -38.52 18.61 4.17
C HIS B 428 -38.53 17.15 3.69
N PRO B 429 -38.04 16.80 2.50
CA PRO B 429 -38.05 15.37 2.12
C PRO B 429 -37.31 14.45 3.08
N ILE B 430 -36.18 14.89 3.62
CA ILE B 430 -35.50 14.10 4.66
C ILE B 430 -36.43 13.85 5.83
N ILE B 431 -37.07 14.92 6.33
CA ILE B 431 -38.01 14.77 7.44
C ILE B 431 -39.12 13.82 7.04
N TYR B 432 -39.65 14.01 5.84
CA TYR B 432 -40.79 13.24 5.40
C TYR B 432 -40.45 11.76 5.28
N LEU B 433 -39.31 11.45 4.66
CA LEU B 433 -38.88 10.05 4.58
C LEU B 433 -38.78 9.42 5.96
N LEU B 434 -38.27 10.17 6.94
CA LEU B 434 -38.02 9.60 8.26
C LEU B 434 -39.30 9.45 9.08
N TYR B 435 -40.20 10.43 9.00
CA TYR B 435 -41.40 10.38 9.79
C TYR B 435 -42.53 9.62 9.13
N ARG B 436 -42.62 9.66 7.80
CA ARG B 436 -43.71 8.99 7.12
C ARG B 436 -43.41 7.52 6.84
N TYR B 437 -42.19 7.25 6.34
CA TYR B 437 -41.78 5.90 5.98
C TYR B 437 -40.72 5.32 6.91
N GLU B 438 -40.20 6.10 7.86
CA GLU B 438 -39.19 5.61 8.81
C GLU B 438 -37.92 5.12 8.10
N PHE B 439 -37.43 5.94 7.15
CA PHE B 439 -36.14 5.75 6.49
C PHE B 439 -35.18 6.85 6.90
N LYS B 440 -34.01 6.46 7.38
CA LYS B 440 -32.85 7.34 7.51
C LYS B 440 -31.94 7.11 6.31
N PHE B 441 -31.21 8.14 5.90
CA PHE B 441 -30.09 7.85 4.99
C PHE B 441 -28.83 8.54 5.50
N SER B 442 -28.08 9.17 4.61
CA SER B 442 -26.88 9.92 4.97
C SER B 442 -26.87 11.22 4.17
N PRO B 443 -27.68 12.19 4.58
CA PRO B 443 -27.95 13.35 3.73
C PRO B 443 -26.93 14.48 3.90
N HIS B 444 -25.66 14.17 3.68
CA HIS B 444 -24.58 15.14 3.75
C HIS B 444 -24.17 15.58 2.35
N GLY B 445 -23.20 16.49 2.29
CA GLY B 445 -22.94 17.22 1.05
C GLY B 445 -22.61 16.34 -0.13
N GLU B 446 -21.97 15.19 0.11
CA GLU B 446 -21.66 14.27 -0.99
C GLU B 446 -22.92 13.72 -1.64
N ASN B 447 -23.93 13.40 -0.84
CA ASN B 447 -25.05 12.58 -1.28
C ASN B 447 -26.25 13.37 -1.80
N LEU B 448 -26.25 14.70 -1.73
CA LEU B 448 -27.32 15.51 -2.30
C LEU B 448 -26.82 16.28 -3.51
N ILE B 449 -27.52 16.17 -4.62
CA ILE B 449 -27.32 17.00 -5.80
C ILE B 449 -28.46 18.01 -5.87
N LEU B 450 -28.12 19.29 -5.94
CA LEU B 450 -29.09 20.38 -5.94
C LEU B 450 -29.41 20.81 -7.37
N VAL B 451 -30.71 20.87 -7.69
CA VAL B 451 -31.17 21.44 -8.96
C VAL B 451 -31.45 22.92 -8.77
N LEU B 452 -30.81 23.76 -9.59
CA LEU B 452 -30.90 25.20 -9.48
C LEU B 452 -31.44 25.80 -10.76
N ASP B 453 -32.22 26.86 -10.61
CA ASP B 453 -32.70 27.69 -11.72
C ASP B 453 -32.19 29.11 -11.48
N GLY B 454 -31.35 29.59 -12.39
CA GLY B 454 -30.71 30.88 -12.22
C GLY B 454 -30.19 31.12 -10.80
N GLY B 455 -29.76 30.06 -10.11
CA GLY B 455 -29.24 30.18 -8.78
C GLY B 455 -30.24 30.02 -7.67
N ALA B 456 -31.48 29.69 -7.98
CA ALA B 456 -32.42 29.51 -6.88
C ALA B 456 -32.74 28.05 -6.71
N PRO B 457 -32.84 27.56 -5.47
CA PRO B 457 -33.24 26.17 -5.25
C PRO B 457 -34.52 25.85 -5.99
N VAL B 458 -34.60 24.64 -6.56
CA VAL B 458 -35.87 24.15 -7.07
C VAL B 458 -36.18 22.77 -6.46
N ARG B 459 -35.17 21.92 -6.30
CA ARG B 459 -35.40 20.55 -5.84
C ARG B 459 -34.06 19.85 -5.65
N ALA B 460 -34.11 18.68 -5.03
CA ALA B 460 -32.91 17.95 -4.66
C ALA B 460 -33.01 16.48 -5.05
N VAL B 461 -31.86 15.89 -5.34
CA VAL B 461 -31.73 14.46 -5.61
C VAL B 461 -30.91 13.83 -4.50
N LEU B 462 -31.34 12.67 -4.02
CA LEU B 462 -30.62 11.89 -3.02
C LEU B 462 -29.96 10.69 -3.69
N LYS B 463 -28.88 10.19 -3.08
CA LYS B 463 -27.96 9.29 -3.79
C LYS B 463 -27.59 8.00 -3.07
N ASP B 464 -26.73 8.07 -2.06
CA ASP B 464 -26.20 6.83 -1.45
C ASP B 464 -27.32 6.22 -0.61
N ILE B 465 -27.89 5.08 -1.07
CA ILE B 465 -29.13 4.58 -0.47
C ILE B 465 -29.05 3.14 0.00
N GLY B 466 -28.67 2.22 -0.88
CA GLY B 466 -28.57 0.82 -0.47
C GLY B 466 -27.70 0.61 0.75
N GLU B 467 -26.42 0.95 0.65
CA GLU B 467 -25.45 0.73 1.72
C GLU B 467 -25.68 1.62 2.93
N GLU B 468 -26.53 2.64 2.83
CA GLU B 468 -26.65 3.61 3.90
C GLU B 468 -27.99 3.59 4.64
N ILE B 469 -29.00 2.86 4.15
CA ILE B 469 -30.37 3.08 4.65
C ILE B 469 -30.58 2.34 5.96
N CYS B 470 -31.20 3.02 6.93
CA CYS B 470 -31.75 2.41 8.13
C CYS B 470 -33.25 2.29 7.94
N ILE B 471 -33.76 1.05 8.00
CA ILE B 471 -35.20 0.80 8.05
C ILE B 471 -35.61 0.63 9.50
N PHE B 472 -36.49 1.50 9.98
CA PHE B 472 -36.97 1.43 11.35
C PHE B 472 -38.26 0.64 11.48
N ASP B 473 -39.16 0.76 10.50
CA ASP B 473 -40.53 0.24 10.57
C ASP B 473 -40.69 -1.03 9.74
N ALA B 474 -39.81 -2.02 10.00
CA ALA B 474 -39.71 -3.26 9.24
C ALA B 474 -41.05 -3.99 9.15
N PRO B 475 -41.77 -3.88 8.01
CA PRO B 475 -43.11 -4.48 7.92
C PRO B 475 -43.10 -6.01 7.77
N ASP B 476 -44.30 -6.56 7.52
CA ASP B 476 -44.49 -8.01 7.62
C ASP B 476 -43.74 -8.75 6.52
N ASP B 477 -43.75 -8.23 5.31
CA ASP B 477 -43.15 -8.92 4.18
C ASP B 477 -41.93 -8.18 3.60
N ILE B 478 -41.20 -7.46 4.46
CA ILE B 478 -39.87 -6.95 4.11
C ILE B 478 -39.02 -8.12 3.64
N PRO B 479 -38.47 -8.08 2.42
CA PRO B 479 -37.69 -9.22 1.94
C PRO B 479 -36.50 -9.47 2.85
N GLU B 480 -36.12 -10.75 2.97
CA GLU B 480 -34.94 -11.10 3.77
C GLU B 480 -33.69 -10.42 3.24
N SER B 481 -33.75 -9.88 2.04
CA SER B 481 -32.66 -9.11 1.44
C SER B 481 -32.40 -7.81 2.18
N CYS B 482 -32.96 -7.64 3.38
CA CYS B 482 -32.90 -6.38 4.09
C CYS B 482 -32.50 -6.54 5.56
N ARG B 483 -32.04 -7.73 5.97
CA ARG B 483 -31.65 -7.93 7.36
C ARG B 483 -30.66 -6.86 7.81
N ARG B 484 -29.76 -6.44 6.90
CA ARG B 484 -28.70 -5.51 7.27
C ARG B 484 -29.23 -4.09 7.51
N ALA B 485 -30.32 -3.72 6.85
CA ALA B 485 -30.82 -2.36 6.98
C ALA B 485 -31.79 -2.16 8.13
N VAL B 486 -32.50 -3.22 8.54
CA VAL B 486 -33.50 -3.11 9.59
C VAL B 486 -32.78 -3.10 10.94
N THR B 487 -32.88 -1.97 11.65
CA THR B 487 -32.22 -1.78 12.94
C THR B 487 -33.20 -1.09 13.87
N GLU B 488 -33.53 -1.74 14.99
CA GLU B 488 -34.30 -1.06 16.02
C GLU B 488 -33.45 0.04 16.66
N GLU B 489 -34.13 1.04 17.23
CA GLU B 489 -33.44 2.17 17.85
C GLU B 489 -34.40 2.87 18.81
N ALA B 490 -33.87 3.23 19.98
CA ALA B 490 -34.64 3.93 21.01
C ALA B 490 -35.42 5.09 20.42
N ASP B 491 -36.67 5.24 20.89
CA ASP B 491 -37.48 6.38 20.46
C ASP B 491 -36.82 7.69 20.90
N GLU B 492 -36.27 7.72 22.11
CA GLU B 492 -35.73 8.95 22.69
C GLU B 492 -34.68 9.59 21.79
N ILE B 493 -34.08 8.85 20.84
CA ILE B 493 -33.03 9.37 19.97
C ILE B 493 -33.45 9.44 18.50
N ARG B 494 -34.70 9.14 18.15
CA ARG B 494 -35.02 9.10 16.73
C ARG B 494 -34.90 10.46 16.06
N ASN B 495 -35.04 11.55 16.80
CA ASN B 495 -34.93 12.85 16.15
C ASN B 495 -33.50 13.12 15.67
N LEU B 496 -32.53 12.32 16.11
CA LEU B 496 -31.15 12.53 15.68
C LEU B 496 -30.98 12.39 14.18
N GLY B 497 -31.92 11.72 13.50
CA GLY B 497 -31.88 11.66 12.04
C GLY B 497 -32.01 13.02 11.38
N VAL B 498 -32.52 14.02 12.09
CA VAL B 498 -32.58 15.39 11.60
C VAL B 498 -31.67 16.29 12.41
N LEU B 499 -31.74 16.21 13.73
CA LEU B 499 -30.91 17.07 14.56
C LEU B 499 -29.43 16.79 14.32
N SER B 500 -29.01 15.54 14.48
CA SER B 500 -27.59 15.22 14.38
C SER B 500 -27.12 15.12 12.93
N ASP B 501 -27.96 14.62 12.03
CA ASP B 501 -27.52 14.38 10.67
C ASP B 501 -27.70 15.55 9.74
N VAL B 502 -28.63 16.46 10.00
CA VAL B 502 -28.82 17.65 9.16
C VAL B 502 -28.41 18.91 9.91
N PHE B 503 -28.85 19.06 11.16
CA PHE B 503 -28.56 20.29 11.89
C PHE B 503 -27.09 20.35 12.28
N ASP B 504 -26.63 19.38 13.07
CA ASP B 504 -25.27 19.48 13.60
C ASP B 504 -24.20 19.03 12.63
N ASP B 505 -24.55 18.26 11.59
CA ASP B 505 -23.52 17.72 10.73
C ASP B 505 -23.35 18.50 9.42
N PHE B 506 -24.32 19.35 9.05
CA PHE B 506 -24.17 20.11 7.80
C PHE B 506 -24.72 21.54 7.87
N LEU B 507 -25.90 21.74 8.48
CA LEU B 507 -26.44 23.09 8.51
C LEU B 507 -25.63 24.00 9.44
N ARG B 508 -25.11 23.45 10.55
CA ARG B 508 -24.20 24.21 11.41
C ARG B 508 -23.10 24.89 10.61
N HIS B 509 -22.57 24.21 9.60
CA HIS B 509 -21.54 24.80 8.76
C HIS B 509 -22.12 25.80 7.75
N PHE B 510 -23.31 25.56 7.23
CA PHE B 510 -23.90 26.53 6.31
C PHE B 510 -24.15 27.86 7.02
N ALA B 511 -24.78 27.82 8.20
CA ALA B 511 -25.14 29.05 8.89
C ALA B 511 -23.90 29.87 9.19
N LEU B 512 -22.86 29.22 9.73
CA LEU B 512 -21.62 29.92 10.06
C LEU B 512 -21.05 30.62 8.85
N LEU B 513 -21.02 29.93 7.71
CA LEU B 513 -20.58 30.56 6.47
C LEU B 513 -21.43 31.79 6.14
N LEU B 514 -22.75 31.66 6.21
CA LEU B 514 -23.62 32.79 5.94
C LEU B 514 -23.52 33.85 7.01
N HIS B 515 -23.29 33.43 8.25
CA HIS B 515 -23.16 34.40 9.33
C HIS B 515 -21.89 35.21 9.19
N GLU B 516 -20.73 34.53 9.10
CA GLU B 516 -19.45 35.23 9.11
C GLU B 516 -19.22 36.02 7.83
N SER B 517 -19.75 35.57 6.72
CA SER B 517 -19.69 36.38 5.50
C SER B 517 -20.75 37.46 5.47
N GLY B 518 -21.52 37.59 6.55
CA GLY B 518 -22.58 38.58 6.65
C GLY B 518 -23.63 38.51 5.57
N LEU B 519 -24.10 37.31 5.24
CA LEU B 519 -25.22 37.17 4.32
C LEU B 519 -26.55 36.94 5.05
N LEU B 520 -26.53 36.19 6.15
CA LEU B 520 -27.71 36.00 6.99
C LEU B 520 -27.21 35.58 8.35
N THR B 521 -27.62 36.30 9.40
CA THR B 521 -27.03 36.05 10.70
C THR B 521 -27.53 34.73 11.25
N ASP B 522 -26.86 34.27 12.31
CA ASP B 522 -27.19 32.97 12.90
C ASP B 522 -28.66 32.94 13.33
N GLY B 523 -29.15 34.06 13.87
CA GLY B 523 -30.50 34.08 14.39
C GLY B 523 -31.55 33.95 13.29
N GLU B 524 -31.41 34.74 12.21
CA GLU B 524 -32.31 34.59 11.08
C GLU B 524 -32.16 33.25 10.38
N PHE B 525 -31.05 32.55 10.60
CA PHE B 525 -30.91 31.21 10.06
C PHE B 525 -31.83 30.24 10.80
N TRP B 526 -31.63 30.10 12.11
CA TRP B 526 -32.36 29.11 12.87
C TRP B 526 -33.79 29.53 13.17
N ALA B 527 -34.10 30.82 12.99
CA ALA B 527 -35.51 31.20 12.88
C ALA B 527 -36.09 30.63 11.58
N THR B 528 -35.40 30.87 10.46
CA THR B 528 -35.91 30.36 9.18
C THR B 528 -35.99 28.84 9.22
N VAL B 529 -35.05 28.20 9.88
CA VAL B 529 -35.11 26.74 10.00
C VAL B 529 -36.31 26.33 10.84
N ALA B 530 -36.51 26.98 11.99
CA ALA B 530 -37.64 26.68 12.86
C ALA B 530 -38.96 26.95 12.15
N HIS B 531 -38.96 27.85 11.18
CA HIS B 531 -40.20 28.11 10.49
C HIS B 531 -40.47 27.11 9.36
N SER B 532 -39.45 26.69 8.59
CA SER B 532 -39.69 25.58 7.66
C SER B 532 -40.17 24.32 8.38
N VAL B 533 -39.69 24.05 9.59
CA VAL B 533 -40.12 22.83 10.26
C VAL B 533 -41.58 22.91 10.69
N ALA B 534 -42.02 24.07 11.19
CA ALA B 534 -43.44 24.20 11.51
C ALA B 534 -44.30 24.20 10.25
N GLU B 535 -43.87 24.92 9.22
CA GLU B 535 -44.56 24.88 7.92
C GLU B 535 -44.72 23.44 7.45
N PHE B 536 -43.66 22.64 7.55
CA PHE B 536 -43.77 21.26 7.08
C PHE B 536 -44.66 20.44 8.01
N GLN B 537 -44.44 20.55 9.33
CA GLN B 537 -45.29 19.83 10.29
C GLN B 537 -46.76 20.19 10.08
N ALA B 538 -47.05 21.44 9.69
CA ALA B 538 -48.43 21.83 9.45
C ALA B 538 -48.97 21.19 8.19
N ARG B 539 -48.14 21.05 7.15
CA ARG B 539 -48.63 20.45 5.92
C ARG B 539 -48.86 18.94 6.02
N HIS B 540 -48.54 18.31 7.13
CA HIS B 540 -48.66 16.86 7.25
C HIS B 540 -49.31 16.52 8.58
N PRO B 541 -50.58 16.90 8.73
CA PRO B 541 -51.23 16.73 10.02
C PRO B 541 -51.51 15.30 10.38
N ASP B 542 -51.67 14.39 9.41
CA ASP B 542 -51.86 12.98 9.79
C ASP B 542 -50.64 12.38 10.49
N LEU B 543 -49.51 13.12 10.58
CA LEU B 543 -48.31 12.62 11.21
C LEU B 543 -48.03 13.26 12.57
N ALA B 544 -48.94 14.11 13.06
CA ALA B 544 -48.73 14.78 14.36
C ALA B 544 -48.52 13.77 15.49
N ASP B 545 -49.18 12.61 15.43
CA ASP B 545 -48.91 11.57 16.41
C ASP B 545 -47.42 11.23 16.43
N ARG B 546 -46.80 11.15 15.26
CA ARG B 546 -45.38 10.86 15.20
C ARG B 546 -44.54 12.10 15.57
N PHE B 547 -44.98 13.30 15.19
CA PHE B 547 -44.21 14.50 15.52
C PHE B 547 -44.05 14.71 17.02
N ASP B 548 -44.92 14.12 17.84
CA ASP B 548 -44.78 14.21 19.29
C ASP B 548 -43.97 13.06 19.87
N GLN B 549 -43.99 11.90 19.22
CA GLN B 549 -43.10 10.80 19.60
C GLN B 549 -41.63 11.17 19.45
N TRP B 550 -41.30 11.97 18.43
CA TRP B 550 -39.92 12.17 17.97
C TRP B 550 -39.75 13.67 17.73
N ASP B 551 -39.42 14.41 18.79
CA ASP B 551 -39.61 15.85 18.81
C ASP B 551 -38.48 16.58 18.08
N LEU B 552 -38.80 17.14 16.92
CA LEU B 552 -37.87 18.04 16.27
C LEU B 552 -37.61 19.29 17.10
N PHE B 553 -38.49 19.61 18.06
CA PHE B 553 -38.34 20.79 18.89
C PHE B 553 -37.88 20.46 20.30
N ALA B 554 -37.28 19.29 20.53
CA ALA B 554 -36.77 18.99 21.87
C ALA B 554 -35.77 20.04 22.33
N PRO B 555 -35.60 20.22 23.65
CA PRO B 555 -34.59 21.17 24.14
C PRO B 555 -33.17 20.74 23.78
N THR B 556 -32.69 19.60 24.26
CA THR B 556 -31.34 19.15 23.97
C THR B 556 -31.35 17.78 23.31
N PHE B 557 -30.35 17.55 22.46
CA PHE B 557 -29.99 16.24 21.96
C PHE B 557 -28.50 16.04 22.21
N PRO B 558 -28.07 14.79 22.32
CA PRO B 558 -26.65 14.52 22.58
C PRO B 558 -25.79 14.90 21.39
N ALA B 559 -24.49 14.95 21.64
CA ALA B 559 -23.52 15.22 20.57
C ALA B 559 -23.02 13.91 19.99
N ILE B 560 -22.58 13.97 18.75
CA ILE B 560 -21.85 12.86 18.11
C ILE B 560 -20.58 13.48 17.53
N HIS B 561 -19.46 13.22 18.18
CA HIS B 561 -18.21 13.93 17.87
C HIS B 561 -17.48 13.24 16.73
N MET B 562 -17.76 13.68 15.50
CA MET B 562 -17.17 13.11 14.30
C MET B 562 -15.68 12.79 14.45
N ASN B 563 -14.90 13.77 14.91
CA ASN B 563 -13.43 13.68 14.83
C ASN B 563 -12.86 12.73 15.87
N ARG B 564 -13.29 12.86 17.13
CA ARG B 564 -12.89 11.88 18.13
C ARG B 564 -13.20 10.45 17.68
N LEU B 565 -14.32 10.27 16.97
CA LEU B 565 -14.66 8.97 16.40
C LEU B 565 -13.55 8.46 15.48
N GLN B 566 -13.24 9.23 14.44
CA GLN B 566 -12.23 8.77 13.47
C GLN B 566 -10.91 8.47 14.16
N LEU B 567 -10.62 9.13 15.28
CA LEU B 567 -9.32 9.03 15.93
C LEU B 567 -9.15 7.72 16.70
N SER B 568 -9.77 6.64 16.18
CA SER B 568 -9.64 5.30 16.73
C SER B 568 -9.80 4.26 15.61
N ASN B 569 -10.29 4.74 14.45
CA ASN B 569 -10.69 3.94 13.27
C ASN B 569 -9.95 2.62 13.09
N ARG B 572 -11.93 1.60 11.00
CA ARG B 572 -13.27 1.24 11.41
C ARG B 572 -13.95 2.35 12.23
N MET B 573 -14.07 3.53 11.61
CA MET B 573 -14.71 4.68 12.25
C MET B 573 -16.02 4.28 12.93
N VAL B 574 -16.91 3.60 12.21
CA VAL B 574 -18.13 3.01 12.78
C VAL B 574 -18.15 1.50 12.53
N ASP B 578 -22.97 -0.04 16.49
CA ASP B 578 -22.94 0.91 15.38
C ASP B 578 -24.24 1.73 15.28
N SER B 579 -25.14 1.58 16.26
CA SER B 579 -26.36 2.37 16.33
C SER B 579 -26.07 3.74 16.96
N TYR B 580 -27.09 4.61 16.94
CA TYR B 580 -26.91 5.95 17.52
C TYR B 580 -26.54 5.87 19.00
N SER B 581 -27.14 4.94 19.74
CA SER B 581 -26.79 4.78 21.15
C SER B 581 -25.30 4.55 21.32
N THR B 582 -24.69 3.77 20.42
CA THR B 582 -23.26 3.47 20.52
C THR B 582 -22.41 4.72 20.42
N LEU B 583 -22.78 5.63 19.51
CA LEU B 583 -21.95 6.77 19.19
C LEU B 583 -22.30 8.01 20.02
N VAL B 584 -23.48 8.02 20.65
CA VAL B 584 -23.98 9.19 21.38
C VAL B 584 -23.10 9.47 22.60
N ASP B 585 -22.89 10.75 22.89
CA ASP B 585 -22.10 11.15 24.04
C ASP B 585 -22.96 11.15 25.31
N ASN B 586 -22.37 10.63 26.40
CA ASN B 586 -23.04 10.65 27.68
C ASN B 586 -23.20 12.06 28.21
N GLU B 587 -22.19 12.92 27.99
CA GLU B 587 -22.12 14.23 28.63
C GLU B 587 -22.51 15.39 27.70
N HIS B 588 -21.90 15.51 26.52
CA HIS B 588 -22.13 16.72 25.70
C HIS B 588 -23.58 16.76 25.24
N ALA B 589 -24.29 17.83 25.60
CA ALA B 589 -25.66 18.04 25.18
C ALA B 589 -25.72 19.32 24.37
N LEU B 590 -26.23 19.22 23.16
CA LEU B 590 -26.35 20.39 22.31
C LEU B 590 -27.73 21.01 22.48
N VAL B 591 -27.78 22.31 22.30
CA VAL B 591 -29.02 23.06 22.43
C VAL B 591 -29.67 23.18 21.06
N ASN B 592 -30.94 22.81 20.97
CA ASN B 592 -31.70 22.83 19.73
C ASN B 592 -31.93 24.25 19.27
N PRO B 593 -31.23 24.72 18.24
CA PRO B 593 -31.42 26.12 17.82
C PRO B 593 -32.85 26.46 17.43
N ILE B 594 -33.78 25.50 17.35
CA ILE B 594 -35.15 25.79 16.99
C ILE B 594 -36.13 25.63 18.14
N ALA B 595 -35.76 24.89 19.20
CA ALA B 595 -36.69 24.67 20.30
C ALA B 595 -37.23 25.98 20.85
N GLY B 596 -36.35 26.99 20.95
CA GLY B 596 -36.78 28.31 21.42
C GLY B 596 -37.83 28.97 20.55
N HIS B 597 -38.18 28.37 19.41
CA HIS B 597 -39.15 28.94 18.49
C HIS B 597 -40.45 28.12 18.43
N ARG B 598 -40.75 27.34 19.46
CA ARG B 598 -42.01 26.60 19.43
C ARG B 598 -43.20 27.55 19.33
N GLY B 599 -43.02 28.81 19.75
CA GLY B 599 -44.03 29.86 19.73
C GLY B 599 -44.79 30.10 18.43
N ALA B 600 -44.13 30.68 17.40
CA ALA B 600 -44.84 31.14 16.21
C ALA B 600 -45.26 30.03 15.23
N VAL B 601 -45.19 28.75 15.63
CA VAL B 601 -45.71 27.65 14.81
C VAL B 601 -47.20 27.79 14.50
#